data_1XRS
#
_entry.id   1XRS
#
_cell.length_a   99.700
_cell.length_b   99.700
_cell.length_c   168.800
_cell.angle_alpha   90.00
_cell.angle_beta   90.00
_cell.angle_gamma   120.00
#
_symmetry.space_group_name_H-M   'P 31 2 1'
#
loop_
_entity.id
_entity.type
_entity.pdbx_description
1 polymer 'D-lysine 5,6-aminomutase alpha subunit'
2 polymer 'D-lysine 5,6-aminomutase beta subunit'
3 non-polymer COBALAMIN
4 non-polymer "PYRIDOXAL-5'-PHOSPHATE"
5 non-polymer "5'-DEOXYADENOSINE"
#
loop_
_entity_poly.entity_id
_entity_poly.type
_entity_poly.pdbx_seq_one_letter_code
_entity_poly.pdbx_strand_id
1 'polypeptide(L)'
;MESKLNLDFNLVEKARAKAKAIAIDTQEFIEKHTTVTVERAVCRLLGIDGVDTDEVPLPNIVVDHIKENNGLNLGAAMYI
ANAVLNTGKTPQEIAQAISAGELDLTKLPMKDLFEVKTKALSMAKETVEKIKNNRSIRESRFEEYGDKSGPLLYVIVATG
NIYEDITQAVAAAKQGADVIAVIRTTGQSLLDYVPYGATTEGFGGTYATQENFRLMREALDKVGAEVGKYIRLCNYCSGL
CMPEIAAMGAIERLDVMLNDALYGILFRDINMQRTMIDQNFSRIINGFAGVIINTGEDNYLTTADAFEEAHTVLASQFIN
EQFALLAGLPEEQMGLGHAFEMDPELKNGFLYELSQAQMAREIFPKAPLKYMPPTKFMTGNIFKGHIQDALFNMVTIMTN
QRIHLLGMLTEALHTPFMSDRALSIENAQYIFNNMESISEEIQFKEDGLIQKRAGFVLEKANELLEEIEQLGLFDTLEKG
IFGGVKRPKDGGKGLNGVVSKDENYYNPFVELMLNK
;
A
2 'polypeptide(L)'
;MSSGLYSMEKKEFDKVLDLERVKPYGDTMNDGKVQLSFTLPLKNNERSAEAAKQIALKMGLEEPSVVMQQSLDEEFTFFV
VYGNFVQSVNYNEIHVEAVNSEILSMEETDEYIKENIGRKIVVVGASTGTDAHTVGIDAIMNMKGYAGHYGLERYEMIDA
YNLGSQVANEDFIKKAVELEADVLLVSQTVTQKNVHIQNMTHLIELLEAEGLRDRFVLLCGGPRINNEIAKELGYDAGFG
PGRFADDVATFAVKTLNDRMNS
;
B
#
# COMPACT_ATOMS: atom_id res chain seq x y z
N MET A 1 -2.13 29.46 -8.88
CA MET A 1 -2.12 28.78 -10.21
C MET A 1 -2.97 29.50 -11.24
N GLU A 2 -2.34 29.85 -12.36
CA GLU A 2 -3.02 30.51 -13.47
C GLU A 2 -3.61 29.39 -14.36
N SER A 3 -4.57 29.70 -15.24
CA SER A 3 -5.11 28.64 -16.07
C SER A 3 -4.42 28.51 -17.40
N LYS A 4 -3.36 27.71 -17.43
CA LYS A 4 -2.61 27.46 -18.63
C LYS A 4 -3.25 26.47 -19.59
N LEU A 5 -4.24 25.71 -19.15
CA LEU A 5 -4.83 24.71 -20.02
C LEU A 5 -6.17 25.14 -20.64
N ASN A 6 -6.69 26.26 -20.17
CA ASN A 6 -7.99 26.72 -20.62
C ASN A 6 -9.03 25.61 -20.30
N LEU A 7 -8.83 24.98 -19.14
CA LEU A 7 -9.72 23.94 -18.67
C LEU A 7 -11.10 24.54 -18.47
N ASP A 8 -12.16 23.73 -18.64
CA ASP A 8 -13.53 24.20 -18.38
C ASP A 8 -13.84 23.94 -16.89
N PHE A 9 -13.66 24.96 -16.05
CA PHE A 9 -13.90 24.78 -14.63
C PHE A 9 -15.32 24.49 -14.24
N ASN A 10 -16.27 24.64 -15.15
CA ASN A 10 -17.66 24.28 -14.83
C ASN A 10 -17.66 22.77 -14.79
N LEU A 11 -17.02 22.16 -15.81
CA LEU A 11 -16.88 20.71 -15.91
C LEU A 11 -16.14 20.26 -14.65
N VAL A 12 -15.05 20.96 -14.34
CA VAL A 12 -14.30 20.62 -13.16
C VAL A 12 -15.23 20.58 -11.95
N GLU A 13 -16.06 21.61 -11.80
CA GLU A 13 -16.91 21.69 -10.63
C GLU A 13 -17.98 20.66 -10.65
N LYS A 14 -18.36 20.29 -11.85
CA LYS A 14 -19.38 19.27 -12.06
C LYS A 14 -18.82 17.90 -11.62
N ALA A 15 -17.58 17.60 -12.01
CA ALA A 15 -16.97 16.33 -11.65
C ALA A 15 -16.84 16.27 -10.14
N ARG A 16 -16.35 17.35 -9.56
CA ARG A 16 -16.14 17.41 -8.13
C ARG A 16 -17.43 17.23 -7.33
N ALA A 17 -18.54 17.63 -7.93
CA ALA A 17 -19.83 17.51 -7.27
C ALA A 17 -20.23 16.03 -7.23
N LYS A 18 -19.89 15.30 -8.29
CA LYS A 18 -20.21 13.90 -8.35
C LYS A 18 -19.39 13.15 -7.31
N ALA A 19 -18.13 13.54 -7.14
CA ALA A 19 -17.29 12.86 -6.14
C ALA A 19 -17.92 13.12 -4.77
N LYS A 20 -18.32 14.36 -4.52
CA LYS A 20 -18.97 14.73 -3.27
C LYS A 20 -20.26 13.93 -3.07
N ALA A 21 -20.99 13.66 -4.12
CA ALA A 21 -22.20 12.89 -3.93
C ALA A 21 -21.77 11.50 -3.48
N ILE A 22 -20.99 10.85 -4.32
CA ILE A 22 -20.48 9.52 -4.06
C ILE A 22 -19.98 9.37 -2.61
N ALA A 23 -19.23 10.35 -2.14
CA ALA A 23 -18.67 10.29 -0.80
C ALA A 23 -19.73 10.40 0.29
N ILE A 24 -20.50 11.46 0.29
CA ILE A 24 -21.56 11.68 1.28
C ILE A 24 -22.50 10.49 1.37
N ASP A 25 -22.82 9.91 0.22
CA ASP A 25 -23.69 8.77 0.15
C ASP A 25 -23.11 7.59 0.97
N THR A 26 -21.82 7.31 0.78
CA THR A 26 -21.11 6.25 1.50
C THR A 26 -20.98 6.63 2.98
N GLN A 27 -20.79 7.92 3.24
CA GLN A 27 -20.66 8.46 4.58
C GLN A 27 -21.87 8.08 5.44
N GLU A 28 -23.05 8.08 4.84
CA GLU A 28 -24.25 7.73 5.60
C GLU A 28 -23.99 6.37 6.23
N PHE A 29 -23.33 5.49 5.49
CA PHE A 29 -23.03 4.17 5.99
C PHE A 29 -21.95 4.22 7.09
N ILE A 30 -20.86 4.90 6.82
CA ILE A 30 -19.79 4.95 7.79
C ILE A 30 -20.27 5.35 9.19
N GLU A 31 -21.04 6.44 9.28
CA GLU A 31 -21.56 6.92 10.55
C GLU A 31 -22.44 5.94 11.32
N LYS A 32 -23.11 5.06 10.60
CA LYS A 32 -23.94 4.07 11.24
C LYS A 32 -23.15 2.83 11.73
N HIS A 33 -21.82 2.86 11.69
CA HIS A 33 -21.05 1.69 12.13
C HIS A 33 -19.70 2.05 12.74
N THR A 34 -19.03 1.02 13.26
CA THR A 34 -17.69 1.15 13.79
C THR A 34 -16.98 -0.17 13.49
N THR A 35 -15.68 -0.25 13.73
CA THR A 35 -14.99 -1.52 13.46
C THR A 35 -14.05 -1.85 14.58
N VAL A 36 -13.80 -3.13 14.67
CA VAL A 36 -12.91 -3.68 15.66
C VAL A 36 -11.62 -2.83 15.75
N THR A 37 -11.17 -2.33 14.59
CA THR A 37 -9.95 -1.52 14.55
C THR A 37 -10.14 -0.10 15.05
N VAL A 38 -11.35 0.40 14.92
CA VAL A 38 -11.63 1.75 15.38
C VAL A 38 -11.48 1.77 16.89
N GLU A 39 -12.11 0.77 17.51
CA GLU A 39 -12.12 0.64 18.95
C GLU A 39 -10.73 0.43 19.57
N ARG A 40 -9.88 -0.33 18.88
CA ARG A 40 -8.53 -0.58 19.39
C ARG A 40 -7.80 0.74 19.30
N ALA A 41 -8.16 1.56 18.33
CA ALA A 41 -7.51 2.86 18.20
C ALA A 41 -7.98 3.67 19.39
N VAL A 42 -9.29 3.65 19.63
CA VAL A 42 -9.80 4.38 20.77
C VAL A 42 -9.07 3.99 22.07
N CYS A 43 -8.89 2.68 22.31
CA CYS A 43 -8.15 2.18 23.48
C CYS A 43 -6.73 2.77 23.56
N ARG A 44 -6.03 2.80 22.42
CA ARG A 44 -4.66 3.32 22.38
C ARG A 44 -4.62 4.79 22.72
N LEU A 45 -5.62 5.51 22.23
CA LEU A 45 -5.71 6.95 22.46
C LEU A 45 -5.91 7.18 23.92
N LEU A 46 -6.45 6.17 24.60
CA LEU A 46 -6.66 6.26 26.04
C LEU A 46 -5.53 5.56 26.83
N GLY A 47 -4.35 5.36 26.24
CA GLY A 47 -3.26 4.76 27.00
C GLY A 47 -3.02 3.26 27.07
N ILE A 48 -3.90 2.43 26.55
CA ILE A 48 -3.63 1.01 26.61
C ILE A 48 -2.52 0.68 25.61
N ASP A 49 -1.50 -0.05 26.06
CA ASP A 49 -0.41 -0.47 25.18
C ASP A 49 0.25 -1.75 25.66
N GLY A 50 1.45 -2.02 25.14
CA GLY A 50 2.17 -3.22 25.52
C GLY A 50 1.50 -4.45 24.99
N VAL A 51 2.01 -5.60 25.35
CA VAL A 51 1.41 -6.86 24.91
C VAL A 51 1.14 -7.83 26.06
N ASP A 52 0.55 -8.96 25.75
CA ASP A 52 0.31 -9.97 26.76
C ASP A 52 1.49 -10.92 26.63
N THR A 53 1.29 -12.15 27.10
CA THR A 53 2.28 -13.21 27.11
C THR A 53 2.68 -13.79 25.77
N ASP A 54 1.69 -14.05 24.91
CA ASP A 54 1.93 -14.61 23.60
C ASP A 54 2.24 -13.54 22.59
N GLU A 55 2.57 -12.36 23.10
CA GLU A 55 2.91 -11.19 22.29
C GLU A 55 1.73 -10.58 21.52
N VAL A 56 0.52 -10.66 22.09
CA VAL A 56 -0.66 -10.09 21.44
C VAL A 56 -0.77 -8.72 22.06
N PRO A 57 -0.98 -7.69 21.24
CA PRO A 57 -1.10 -6.31 21.72
C PRO A 57 -2.28 -6.16 22.68
N LEU A 58 -2.07 -5.53 23.83
CA LEU A 58 -3.18 -5.41 24.75
C LEU A 58 -4.43 -4.78 24.15
N PRO A 59 -4.27 -3.91 23.14
CA PRO A 59 -5.49 -3.33 22.59
C PRO A 59 -6.36 -4.40 21.92
N ASN A 60 -5.72 -5.38 21.30
CA ASN A 60 -6.45 -6.47 20.67
C ASN A 60 -7.19 -7.35 21.67
N ILE A 61 -6.61 -7.56 22.86
CA ILE A 61 -7.30 -8.42 23.81
C ILE A 61 -8.45 -7.70 24.52
N VAL A 62 -8.23 -6.45 24.93
CA VAL A 62 -9.31 -5.73 25.56
C VAL A 62 -10.47 -5.61 24.58
N VAL A 63 -10.20 -5.29 23.32
CA VAL A 63 -11.31 -5.16 22.39
C VAL A 63 -11.87 -6.51 22.01
N ASP A 64 -11.00 -7.53 21.99
CA ASP A 64 -11.50 -8.86 21.61
C ASP A 64 -12.43 -9.31 22.72
N HIS A 65 -12.13 -8.84 23.93
CA HIS A 65 -12.92 -9.18 25.10
C HIS A 65 -14.33 -8.69 24.91
N ILE A 66 -14.43 -7.37 24.77
CA ILE A 66 -15.69 -6.69 24.59
C ILE A 66 -16.46 -7.28 23.42
N LYS A 67 -15.73 -7.69 22.39
CA LYS A 67 -16.32 -8.26 21.17
C LYS A 67 -17.17 -9.53 21.43
N GLU A 68 -16.56 -10.58 21.96
CA GLU A 68 -17.25 -11.85 22.25
C GLU A 68 -18.39 -11.79 23.28
N ASN A 69 -18.47 -10.68 24.02
CA ASN A 69 -19.53 -10.47 25.01
C ASN A 69 -20.57 -9.51 24.41
N ASN A 70 -20.66 -9.51 23.07
CA ASN A 70 -21.58 -8.65 22.30
C ASN A 70 -21.56 -7.18 22.69
N GLY A 71 -20.41 -6.69 23.11
CA GLY A 71 -20.31 -5.31 23.53
C GLY A 71 -19.86 -4.21 22.56
N LEU A 72 -19.12 -4.53 21.49
CA LEU A 72 -18.64 -3.49 20.56
C LEU A 72 -19.57 -2.39 20.10
N ASN A 73 -20.83 -2.72 19.85
CA ASN A 73 -21.82 -1.73 19.38
C ASN A 73 -21.91 -0.49 20.26
N LEU A 74 -21.52 -0.64 21.52
CA LEU A 74 -21.53 0.45 22.48
C LEU A 74 -20.17 1.14 22.30
N GLY A 75 -19.15 0.34 22.04
CA GLY A 75 -17.84 0.89 21.81
C GLY A 75 -16.95 1.05 23.02
N ALA A 76 -15.76 0.45 22.92
CA ALA A 76 -14.76 0.50 23.97
C ALA A 76 -14.85 1.65 24.96
N ALA A 77 -14.64 2.87 24.45
CA ALA A 77 -14.65 4.09 25.27
C ALA A 77 -15.54 3.97 26.50
N MET A 78 -16.81 3.59 26.34
CA MET A 78 -17.72 3.44 27.48
C MET A 78 -17.19 2.38 28.50
N TYR A 79 -17.17 1.11 28.12
CA TYR A 79 -16.65 0.10 29.03
C TYR A 79 -15.35 0.56 29.71
N ILE A 80 -14.37 0.96 28.91
CA ILE A 80 -13.12 1.37 29.51
C ILE A 80 -13.34 2.42 30.58
N ALA A 81 -14.24 3.36 30.31
CA ALA A 81 -14.49 4.45 31.23
C ALA A 81 -15.26 3.96 32.43
N ASN A 82 -16.33 3.20 32.16
CA ASN A 82 -17.14 2.64 33.23
C ASN A 82 -16.20 1.95 34.18
N ALA A 83 -15.38 1.07 33.63
CA ALA A 83 -14.43 0.33 34.41
C ALA A 83 -13.61 1.26 35.29
N VAL A 84 -13.04 2.32 34.72
CA VAL A 84 -12.21 3.25 35.50
C VAL A 84 -12.96 3.91 36.64
N LEU A 85 -14.24 4.19 36.42
CA LEU A 85 -15.10 4.79 37.46
C LEU A 85 -15.17 3.83 38.64
N ASN A 86 -15.97 2.78 38.54
CA ASN A 86 -16.04 1.83 39.64
C ASN A 86 -14.91 0.82 39.47
N THR A 87 -13.73 1.20 39.96
CA THR A 87 -12.52 0.39 39.86
C THR A 87 -11.34 1.33 40.13
N GLY A 88 -11.41 2.52 39.57
CA GLY A 88 -10.37 3.50 39.80
C GLY A 88 -8.97 3.14 39.37
N LYS A 89 -8.83 2.16 38.49
CA LYS A 89 -7.51 1.81 38.01
C LYS A 89 -7.35 2.40 36.60
N THR A 90 -6.11 2.60 36.18
CA THR A 90 -5.83 3.15 34.87
C THR A 90 -6.20 2.16 33.79
N PRO A 91 -6.58 2.66 32.61
CA PRO A 91 -6.94 1.78 31.51
C PRO A 91 -5.79 0.85 31.20
N GLN A 92 -4.55 1.29 31.44
CA GLN A 92 -3.44 0.35 31.21
C GLN A 92 -3.64 -0.88 32.14
N GLU A 93 -3.94 -0.61 33.41
CA GLU A 93 -4.18 -1.68 34.40
C GLU A 93 -5.50 -2.40 34.13
N ILE A 94 -6.46 -1.73 33.51
CA ILE A 94 -7.73 -2.37 33.18
C ILE A 94 -7.41 -3.48 32.17
N ALA A 95 -6.51 -3.14 31.25
CA ALA A 95 -6.08 -4.05 30.20
C ALA A 95 -5.38 -5.28 30.75
N GLN A 96 -4.32 -5.08 31.52
CA GLN A 96 -3.57 -6.20 32.11
C GLN A 96 -4.55 -7.10 32.90
N ALA A 97 -5.40 -6.48 33.72
CA ALA A 97 -6.36 -7.21 34.52
C ALA A 97 -7.26 -8.04 33.64
N ILE A 98 -7.72 -7.48 32.53
CA ILE A 98 -8.56 -8.23 31.61
C ILE A 98 -7.75 -9.38 30.97
N SER A 99 -6.46 -9.14 30.76
CA SER A 99 -5.54 -10.12 30.16
C SER A 99 -5.41 -11.30 31.12
N ALA A 100 -5.21 -10.97 32.39
CA ALA A 100 -5.04 -11.96 33.45
C ALA A 100 -6.30 -12.73 33.78
N GLY A 101 -7.44 -12.26 33.28
CA GLY A 101 -8.71 -12.92 33.56
C GLY A 101 -9.24 -12.43 34.91
N GLU A 102 -8.66 -11.34 35.40
CA GLU A 102 -9.03 -10.75 36.67
C GLU A 102 -10.11 -9.67 36.65
N LEU A 103 -10.69 -9.37 35.49
CA LEU A 103 -11.75 -8.35 35.35
C LEU A 103 -12.62 -8.78 34.17
N ASP A 104 -13.80 -8.17 34.03
CA ASP A 104 -14.73 -8.45 32.93
C ASP A 104 -15.66 -7.25 32.69
N LEU A 105 -15.23 -6.38 31.80
CA LEU A 105 -15.99 -5.20 31.50
C LEU A 105 -17.47 -5.41 31.27
N THR A 106 -17.86 -6.62 30.90
CA THR A 106 -19.26 -6.96 30.62
C THR A 106 -20.08 -7.21 31.89
N LYS A 107 -19.40 -7.54 32.99
CA LYS A 107 -20.14 -7.81 34.23
C LYS A 107 -20.03 -6.75 35.32
N LEU A 108 -19.34 -5.65 35.05
CA LEU A 108 -19.23 -4.59 36.05
C LEU A 108 -20.51 -3.78 36.04
N PRO A 109 -20.92 -3.29 37.20
CA PRO A 109 -22.16 -2.53 37.12
C PRO A 109 -22.01 -1.39 36.12
N MET A 110 -22.98 -1.23 35.23
CA MET A 110 -22.91 -0.14 34.26
C MET A 110 -23.51 1.13 34.82
N LYS A 111 -22.67 1.92 35.48
CA LYS A 111 -23.07 3.20 36.07
C LYS A 111 -23.93 4.00 35.09
N ASP A 112 -24.48 5.14 35.52
CA ASP A 112 -25.32 5.93 34.63
C ASP A 112 -24.57 6.40 33.40
N LEU A 113 -25.19 6.16 32.25
CA LEU A 113 -24.65 6.53 30.96
C LEU A 113 -24.04 7.91 30.94
N PHE A 114 -24.87 8.93 31.14
CA PHE A 114 -24.36 10.29 31.14
C PHE A 114 -23.16 10.52 32.08
N GLU A 115 -22.93 9.60 33.00
CA GLU A 115 -21.83 9.76 33.93
C GLU A 115 -20.51 9.24 33.35
N VAL A 116 -20.56 8.07 32.69
CA VAL A 116 -19.36 7.47 32.09
C VAL A 116 -19.00 8.24 30.84
N LYS A 117 -20.01 8.53 30.04
CA LYS A 117 -19.82 9.27 28.81
C LYS A 117 -19.00 10.52 29.11
N THR A 118 -19.39 11.23 30.16
CA THR A 118 -18.70 12.44 30.59
C THR A 118 -17.28 12.10 31.02
N LYS A 119 -17.15 10.92 31.62
CA LYS A 119 -15.87 10.50 32.10
C LYS A 119 -15.06 10.26 30.85
N ALA A 120 -15.68 9.58 29.90
CA ALA A 120 -15.02 9.25 28.62
C ALA A 120 -14.40 10.49 28.05
N LEU A 121 -15.27 11.45 27.78
CA LEU A 121 -14.86 12.73 27.22
C LEU A 121 -13.74 13.42 27.98
N SER A 122 -13.64 13.21 29.28
CA SER A 122 -12.58 13.87 30.05
C SER A 122 -11.27 13.17 29.82
N MET A 123 -11.35 11.88 29.52
CA MET A 123 -10.15 11.08 29.27
C MET A 123 -9.59 11.42 27.88
N ALA A 124 -10.47 11.41 26.89
CA ALA A 124 -10.12 11.71 25.52
C ALA A 124 -9.36 13.02 25.56
N LYS A 125 -9.97 13.99 26.22
CA LYS A 125 -9.41 15.32 26.35
C LYS A 125 -7.92 15.39 26.65
N GLU A 126 -7.39 14.42 27.37
CA GLU A 126 -5.98 14.49 27.69
C GLU A 126 -5.08 14.28 26.49
N THR A 127 -5.24 13.13 25.85
CA THR A 127 -4.41 12.77 24.69
C THR A 127 -4.57 13.72 23.51
N VAL A 128 -5.76 14.24 23.33
CA VAL A 128 -5.95 15.18 22.26
C VAL A 128 -4.94 16.30 22.50
N GLU A 129 -4.70 16.62 23.76
CA GLU A 129 -3.76 17.67 24.09
C GLU A 129 -2.37 17.31 23.66
N LYS A 130 -1.91 16.13 24.04
CA LYS A 130 -0.60 15.67 23.65
C LYS A 130 -0.48 15.87 22.14
N ILE A 131 -1.51 15.43 21.41
CA ILE A 131 -1.52 15.56 19.96
C ILE A 131 -1.47 17.03 19.55
N LYS A 132 -2.46 17.82 19.96
CA LYS A 132 -2.50 19.25 19.64
C LYS A 132 -1.13 19.90 19.87
N ASN A 133 -0.46 19.50 20.94
CA ASN A 133 0.84 20.04 21.29
C ASN A 133 1.87 19.64 20.25
N ASN A 134 1.88 18.36 19.86
CA ASN A 134 2.83 17.90 18.83
C ASN A 134 2.68 18.74 17.55
N ARG A 135 1.45 19.14 17.22
CA ARG A 135 1.19 19.93 16.02
C ARG A 135 1.86 21.27 16.18
N SER A 136 1.87 21.77 17.41
CA SER A 136 2.49 23.06 17.69
C SER A 136 4.00 22.90 17.64
N ILE A 137 4.45 21.76 18.14
CA ILE A 137 5.85 21.46 18.18
C ILE A 137 6.37 21.58 16.75
N ARG A 138 5.61 21.08 15.78
CA ARG A 138 6.01 21.13 14.38
C ARG A 138 5.96 22.57 13.85
N GLU A 139 4.83 23.25 14.03
CA GLU A 139 4.71 24.64 13.56
C GLU A 139 5.92 25.42 14.07
N SER A 140 6.16 25.28 15.37
CA SER A 140 7.26 25.94 16.02
C SER A 140 8.63 25.65 15.38
N ARG A 141 8.82 24.45 14.84
CA ARG A 141 10.10 24.14 14.21
C ARG A 141 10.20 24.70 12.81
N PHE A 142 9.07 24.75 12.13
CA PHE A 142 9.15 25.30 10.80
C PHE A 142 9.56 26.76 10.90
N GLU A 143 8.83 27.55 11.67
CA GLU A 143 9.14 28.96 11.79
C GLU A 143 10.58 29.19 12.21
N GLU A 144 11.12 28.30 13.02
CA GLU A 144 12.50 28.48 13.42
C GLU A 144 13.43 28.22 12.24
N TYR A 145 13.18 27.12 11.53
CA TYR A 145 14.00 26.71 10.40
C TYR A 145 13.58 27.20 9.01
N GLY A 146 12.31 27.53 8.83
CA GLY A 146 11.83 27.96 7.53
C GLY A 146 11.50 26.69 6.74
N ASP A 147 10.81 26.81 5.62
CA ASP A 147 10.50 25.61 4.84
C ASP A 147 10.67 25.91 3.34
N LYS A 148 11.19 24.95 2.58
CA LYS A 148 11.39 25.17 1.14
C LYS A 148 10.06 25.54 0.53
N SER A 149 10.07 26.36 -0.51
CA SER A 149 8.78 26.66 -1.13
C SER A 149 8.65 25.83 -2.41
N GLY A 150 9.76 25.37 -2.95
CA GLY A 150 9.66 24.61 -4.18
C GLY A 150 9.26 23.18 -3.92
N PRO A 151 9.69 22.24 -4.78
CA PRO A 151 9.29 20.87 -4.50
C PRO A 151 10.14 20.28 -3.39
N LEU A 152 9.52 19.49 -2.50
CA LEU A 152 10.20 18.80 -1.41
C LEU A 152 10.77 17.44 -1.88
N LEU A 153 12.06 17.22 -1.66
CA LEU A 153 12.68 15.94 -2.04
C LEU A 153 12.28 14.89 -0.99
N TYR A 154 11.59 13.85 -1.46
CA TYR A 154 11.10 12.72 -0.63
C TYR A 154 11.87 11.45 -1.01
N VAL A 155 12.64 10.89 -0.06
CA VAL A 155 13.41 9.68 -0.30
C VAL A 155 12.99 8.51 0.59
N ILE A 156 13.42 7.30 0.24
CA ILE A 156 12.98 6.13 0.97
C ILE A 156 14.09 5.29 1.58
N VAL A 157 13.86 4.78 2.79
CA VAL A 157 14.84 3.92 3.43
C VAL A 157 14.15 2.67 3.88
N ALA A 158 14.83 1.54 3.83
CA ALA A 158 14.16 0.32 4.23
C ALA A 158 15.09 -0.86 4.29
N THR A 159 15.65 -1.10 5.47
CA THR A 159 16.54 -2.22 5.66
C THR A 159 15.81 -3.36 6.34
N GLY A 160 14.75 -3.02 7.08
CA GLY A 160 14.00 -4.01 7.80
C GLY A 160 14.45 -3.94 9.24
N ASN A 161 15.61 -3.33 9.46
CA ASN A 161 16.16 -3.17 10.79
C ASN A 161 16.12 -1.69 11.14
N ILE A 162 15.34 -1.34 12.16
CA ILE A 162 15.17 0.05 12.54
C ILE A 162 16.44 0.83 12.82
N TYR A 163 17.34 0.26 13.60
CA TYR A 163 18.56 0.97 13.90
C TYR A 163 19.34 1.18 12.60
N GLU A 164 19.21 0.28 11.65
CA GLU A 164 19.93 0.49 10.39
C GLU A 164 19.23 1.55 9.55
N ASP A 165 17.91 1.51 9.55
CA ASP A 165 17.16 2.50 8.80
C ASP A 165 17.61 3.89 9.22
N ILE A 166 17.78 4.06 10.51
CA ILE A 166 18.21 5.33 11.06
C ILE A 166 19.56 5.83 10.53
N THR A 167 20.56 4.97 10.49
CA THR A 167 21.84 5.45 10.00
C THR A 167 21.69 5.92 8.54
N GLN A 168 20.78 5.27 7.80
CA GLN A 168 20.53 5.61 6.41
C GLN A 168 19.69 6.87 6.35
N ALA A 169 18.65 6.95 7.17
CA ALA A 169 17.79 8.13 7.20
C ALA A 169 18.55 9.42 7.55
N VAL A 170 19.51 9.37 8.47
CA VAL A 170 20.20 10.59 8.82
C VAL A 170 21.20 10.97 7.76
N ALA A 171 21.71 9.96 7.08
CA ALA A 171 22.68 10.24 6.01
C ALA A 171 21.90 10.96 4.90
N ALA A 172 20.75 10.41 4.56
CA ALA A 172 19.90 10.94 3.52
C ALA A 172 19.41 12.31 3.96
N ALA A 173 19.21 12.46 5.27
CA ALA A 173 18.73 13.73 5.80
C ALA A 173 19.68 14.89 5.44
N LYS A 174 20.98 14.65 5.53
CA LYS A 174 21.93 15.70 5.23
C LYS A 174 22.41 15.65 3.80
N GLN A 175 22.06 14.57 3.11
CA GLN A 175 22.44 14.41 1.72
C GLN A 175 21.49 15.34 0.98
N GLY A 176 20.54 15.89 1.75
CA GLY A 176 19.57 16.85 1.22
C GLY A 176 18.07 16.55 1.22
N ALA A 177 17.66 15.36 1.68
CA ALA A 177 16.23 14.97 1.69
C ALA A 177 15.35 15.77 2.64
N ASP A 178 14.13 16.09 2.21
CA ASP A 178 13.19 16.89 3.01
C ASP A 178 12.11 16.05 3.65
N VAL A 179 11.85 14.91 3.04
CA VAL A 179 10.88 13.98 3.57
C VAL A 179 11.48 12.59 3.48
N ILE A 180 11.45 11.88 4.61
CA ILE A 180 11.99 10.54 4.66
C ILE A 180 10.90 9.57 4.98
N ALA A 181 10.78 8.53 4.16
CA ALA A 181 9.79 7.49 4.40
C ALA A 181 10.48 6.14 4.66
N VAL A 182 10.08 5.44 5.73
CA VAL A 182 10.61 4.10 6.03
C VAL A 182 9.60 3.11 5.39
N ILE A 183 10.03 2.36 4.37
CA ILE A 183 9.13 1.43 3.67
C ILE A 183 8.64 0.38 4.63
N ARG A 184 7.33 0.31 4.81
CA ARG A 184 6.74 -0.65 5.73
C ARG A 184 6.95 -2.08 5.19
N THR A 185 7.07 -3.08 6.10
CA THR A 185 7.26 -4.51 5.76
C THR A 185 6.21 -4.91 4.74
N THR A 186 6.60 -5.68 3.72
CA THR A 186 5.64 -6.05 2.71
C THR A 186 4.52 -6.86 3.34
N GLY A 187 3.30 -6.48 2.99
CA GLY A 187 2.11 -7.15 3.46
C GLY A 187 1.56 -6.76 4.81
N GLN A 188 2.16 -5.80 5.52
CA GLN A 188 1.67 -5.46 6.87
C GLN A 188 0.22 -5.03 6.93
N SER A 189 -0.29 -4.49 5.84
CA SER A 189 -1.66 -4.05 5.87
C SER A 189 -2.61 -5.25 6.02
N LEU A 190 -2.07 -6.46 5.89
CA LEU A 190 -2.90 -7.66 6.05
C LEU A 190 -3.03 -8.13 7.50
N LEU A 191 -2.10 -7.70 8.35
CA LEU A 191 -2.14 -8.05 9.78
C LEU A 191 -3.31 -7.31 10.48
N ASP A 192 -3.95 -7.97 11.44
CA ASP A 192 -5.03 -7.31 12.17
C ASP A 192 -4.54 -6.87 13.56
N TYR A 193 -3.27 -6.54 13.64
CA TYR A 193 -2.73 -6.11 14.91
C TYR A 193 -1.45 -5.40 14.57
N VAL A 194 -1.02 -4.46 15.41
CA VAL A 194 0.22 -3.76 15.14
C VAL A 194 1.33 -4.33 16.00
N PRO A 195 2.40 -4.83 15.38
CA PRO A 195 3.47 -5.38 16.25
C PRO A 195 3.94 -4.31 17.27
N TYR A 196 4.42 -4.78 18.42
CA TYR A 196 4.87 -3.89 19.48
C TYR A 196 6.41 -3.96 19.63
N GLY A 197 7.05 -2.83 19.90
CA GLY A 197 8.50 -2.78 20.05
C GLY A 197 9.33 -2.44 18.84
N ALA A 198 10.63 -2.23 19.06
CA ALA A 198 11.56 -1.93 17.97
C ALA A 198 11.72 -3.16 17.08
N THR A 199 11.96 -2.95 15.80
CA THR A 199 12.09 -4.06 14.87
C THR A 199 13.51 -4.15 14.32
N THR A 200 14.07 -5.35 14.37
CA THR A 200 15.44 -5.60 13.94
C THR A 200 15.55 -6.39 12.66
N GLU A 201 14.44 -6.99 12.24
CA GLU A 201 14.42 -7.80 11.03
C GLU A 201 13.03 -7.71 10.35
N GLY A 202 13.01 -7.75 9.02
CA GLY A 202 11.74 -7.69 8.30
C GLY A 202 11.85 -7.70 6.77
N PHE A 203 11.01 -8.48 6.12
CA PHE A 203 11.04 -8.57 4.67
C PHE A 203 10.49 -7.36 3.95
N GLY A 204 11.15 -6.99 2.87
CA GLY A 204 10.69 -5.87 2.09
C GLY A 204 10.78 -4.55 2.82
N GLY A 205 11.21 -4.55 4.08
CA GLY A 205 11.29 -3.29 4.79
C GLY A 205 10.80 -3.40 6.22
N THR A 206 11.19 -2.44 7.04
CA THR A 206 10.85 -2.36 8.44
C THR A 206 9.37 -2.30 8.86
N TYR A 207 9.01 -3.06 9.90
CA TYR A 207 7.64 -3.07 10.41
C TYR A 207 7.21 -1.70 10.84
N ALA A 208 5.90 -1.45 10.83
CA ALA A 208 5.37 -0.17 11.31
C ALA A 208 5.06 -0.43 12.81
N THR A 209 5.75 0.28 13.69
CA THR A 209 5.59 0.10 15.13
C THR A 209 5.69 1.44 15.83
N GLN A 210 4.88 1.63 16.86
CA GLN A 210 4.96 2.88 17.58
C GLN A 210 6.37 3.10 18.13
N GLU A 211 7.00 2.04 18.63
CA GLU A 211 8.37 2.23 19.12
C GLU A 211 9.24 2.62 17.96
N ASN A 212 9.06 1.93 16.84
CA ASN A 212 9.86 2.24 15.67
C ASN A 212 9.71 3.70 15.22
N PHE A 213 8.50 4.24 15.35
CA PHE A 213 8.21 5.64 15.00
C PHE A 213 9.01 6.58 15.87
N ARG A 214 8.95 6.34 17.18
CA ARG A 214 9.65 7.12 18.21
C ARG A 214 11.17 7.18 17.95
N LEU A 215 11.78 6.02 17.73
CA LEU A 215 13.20 5.99 17.44
C LEU A 215 13.47 6.90 16.22
N MET A 216 12.89 6.55 15.07
CA MET A 216 13.11 7.37 13.89
C MET A 216 12.88 8.84 14.19
N ARG A 217 11.73 9.21 14.75
CA ARG A 217 11.52 10.65 15.01
C ARG A 217 12.59 11.26 15.88
N GLU A 218 13.06 10.50 16.85
CA GLU A 218 14.09 11.01 17.72
C GLU A 218 15.33 11.29 16.88
N ALA A 219 15.65 10.37 15.98
CA ALA A 219 16.81 10.53 15.12
C ALA A 219 16.69 11.75 14.24
N LEU A 220 15.66 11.75 13.39
CA LEU A 220 15.46 12.85 12.46
C LEU A 220 15.53 14.15 13.23
N ASP A 221 14.94 14.20 14.42
CA ASP A 221 15.00 15.42 15.22
C ASP A 221 16.47 15.81 15.51
N LYS A 222 17.32 14.83 15.81
CA LYS A 222 18.74 15.08 16.08
C LYS A 222 19.43 15.67 14.82
N VAL A 223 19.48 14.91 13.73
CA VAL A 223 20.10 15.41 12.48
C VAL A 223 19.38 16.67 11.96
N GLY A 224 18.12 16.85 12.37
CA GLY A 224 17.40 18.01 11.90
C GLY A 224 18.03 19.28 12.40
N ALA A 225 18.13 19.40 13.72
CA ALA A 225 18.72 20.58 14.33
C ALA A 225 20.14 20.74 13.82
N GLU A 226 20.76 19.61 13.52
CA GLU A 226 22.09 19.59 13.00
C GLU A 226 22.09 20.46 11.72
N VAL A 227 21.33 20.02 10.71
CA VAL A 227 21.24 20.72 9.43
C VAL A 227 20.32 21.94 9.46
N GLY A 228 19.64 22.15 10.60
CA GLY A 228 18.77 23.30 10.71
C GLY A 228 17.60 23.23 9.75
N LYS A 229 17.05 22.04 9.63
CA LYS A 229 15.91 21.82 8.77
C LYS A 229 15.04 20.86 9.55
N TYR A 230 13.74 20.87 9.26
CA TYR A 230 12.82 19.95 9.93
C TYR A 230 12.47 18.81 8.97
N ILE A 231 13.13 17.65 9.12
CA ILE A 231 12.83 16.51 8.24
C ILE A 231 11.44 15.95 8.57
N ARG A 232 10.60 15.83 7.55
CA ARG A 232 9.25 15.31 7.69
C ARG A 232 9.37 13.80 7.66
N LEU A 233 8.70 13.09 8.57
CA LEU A 233 8.78 11.63 8.56
C LEU A 233 7.50 11.08 8.00
N CYS A 234 7.63 9.97 7.28
CA CYS A 234 6.47 9.37 6.65
C CYS A 234 6.31 7.86 6.86
N ASN A 235 5.07 7.40 7.05
CA ASN A 235 4.84 5.97 7.12
C ASN A 235 3.49 5.58 6.44
N TYR A 236 3.13 4.31 6.49
CA TYR A 236 1.95 3.85 5.81
C TYR A 236 0.78 3.53 6.73
N CYS A 237 -0.40 4.09 6.44
CA CYS A 237 -1.59 3.78 7.25
C CYS A 237 -2.36 2.58 6.70
N SER A 238 -2.22 2.31 5.40
CA SER A 238 -2.94 1.22 4.75
C SER A 238 -3.07 -0.08 5.49
N GLY A 239 -4.23 -0.73 5.35
CA GLY A 239 -4.48 -2.02 5.97
C GLY A 239 -5.58 -2.15 7.02
N LEU A 240 -5.65 -3.32 7.66
CA LEU A 240 -6.64 -3.57 8.68
C LEU A 240 -6.49 -2.79 9.98
N CYS A 241 -5.36 -2.10 10.20
CA CYS A 241 -5.22 -1.30 11.43
C CYS A 241 -5.05 0.20 11.14
N MET A 242 -5.53 0.67 10.00
CA MET A 242 -5.38 2.09 9.64
C MET A 242 -5.41 3.12 10.78
N PRO A 243 -6.54 3.23 11.50
CA PRO A 243 -6.77 4.16 12.59
C PRO A 243 -5.72 4.10 13.68
N GLU A 244 -5.41 2.87 14.10
CA GLU A 244 -4.40 2.55 15.12
C GLU A 244 -3.05 3.08 14.65
N ILE A 245 -2.66 2.76 13.42
CA ILE A 245 -1.39 3.27 12.94
C ILE A 245 -1.42 4.82 12.90
N ALA A 246 -2.61 5.39 12.66
CA ALA A 246 -2.77 6.85 12.63
C ALA A 246 -2.74 7.43 14.05
N ALA A 247 -3.40 6.77 15.01
CA ALA A 247 -3.39 7.24 16.39
C ALA A 247 -1.95 7.18 16.84
N MET A 248 -1.30 6.10 16.44
CA MET A 248 0.09 5.83 16.78
C MET A 248 1.02 6.93 16.32
N GLY A 249 0.93 7.30 15.06
CA GLY A 249 1.80 8.33 14.52
C GLY A 249 1.37 9.71 14.96
N ALA A 250 0.15 9.79 15.45
CA ALA A 250 -0.30 11.08 15.91
C ALA A 250 0.43 11.34 17.24
N ILE A 251 0.62 10.29 18.04
CA ILE A 251 1.28 10.54 19.31
C ILE A 251 2.80 10.60 19.26
N GLU A 252 3.39 10.08 18.19
CA GLU A 252 4.84 10.11 18.05
C GLU A 252 5.15 11.23 17.06
N ARG A 253 4.07 11.68 16.44
CA ARG A 253 4.07 12.75 15.45
C ARG A 253 4.84 12.61 14.13
N LEU A 254 4.36 11.70 13.29
CA LEU A 254 4.92 11.53 11.96
C LEU A 254 4.35 12.75 11.29
N ASP A 255 4.86 13.12 10.14
CA ASP A 255 4.39 14.31 9.46
C ASP A 255 3.52 14.02 8.24
N VAL A 256 3.82 12.91 7.55
CA VAL A 256 3.04 12.51 6.39
C VAL A 256 2.87 11.01 6.45
N MET A 257 1.70 10.53 6.04
CA MET A 257 1.38 9.12 6.02
C MET A 257 0.51 8.71 4.84
N LEU A 258 0.73 7.52 4.26
CA LEU A 258 -0.09 7.08 3.13
C LEU A 258 -1.44 6.72 3.64
N ASN A 259 -2.47 7.35 3.07
CA ASN A 259 -3.83 7.11 3.48
C ASN A 259 -4.83 7.20 2.33
N ASP A 260 -4.96 6.11 1.56
CA ASP A 260 -5.90 6.09 0.44
C ASP A 260 -7.22 5.39 0.76
N ALA A 261 -8.31 5.99 0.34
CA ALA A 261 -9.63 5.39 0.58
C ALA A 261 -9.82 4.01 -0.08
N LEU A 262 -9.48 3.84 -1.34
CA LEU A 262 -9.72 2.55 -1.97
C LEU A 262 -8.58 1.56 -2.05
N TYR A 263 -7.40 1.92 -1.58
CA TYR A 263 -6.28 1.01 -1.70
C TYR A 263 -6.53 -0.38 -1.21
N GLY A 264 -6.78 -0.45 0.11
CA GLY A 264 -7.02 -1.71 0.80
C GLY A 264 -8.00 -2.62 0.12
N ILE A 265 -9.07 -2.03 -0.41
CA ILE A 265 -10.12 -2.77 -1.11
C ILE A 265 -9.65 -3.34 -2.44
N LEU A 266 -9.14 -2.46 -3.30
CA LEU A 266 -8.68 -2.85 -4.63
C LEU A 266 -7.38 -3.64 -4.71
N PHE A 267 -6.43 -3.42 -3.80
CA PHE A 267 -5.16 -4.13 -3.91
C PHE A 267 -4.83 -5.13 -2.81
N ARG A 268 -5.62 -5.18 -1.76
CA ARG A 268 -5.36 -6.11 -0.66
C ARG A 268 -6.58 -6.92 -0.27
N ASP A 269 -7.61 -6.84 -1.10
CA ASP A 269 -8.82 -7.56 -0.85
C ASP A 269 -9.31 -7.47 0.60
N ILE A 270 -9.28 -6.28 1.14
CA ILE A 270 -9.79 -6.06 2.46
C ILE A 270 -11.18 -5.58 2.19
N ASN A 271 -12.17 -6.13 2.91
CA ASN A 271 -13.59 -5.78 2.71
C ASN A 271 -13.90 -4.27 2.60
N MET A 272 -14.75 -3.90 1.62
CA MET A 272 -15.10 -2.47 1.39
C MET A 272 -15.73 -1.76 2.59
N GLN A 273 -16.69 -2.39 3.26
CA GLN A 273 -17.30 -1.76 4.43
C GLN A 273 -16.24 -1.52 5.51
N ARG A 274 -15.49 -2.57 5.84
CA ARG A 274 -14.46 -2.44 6.84
C ARG A 274 -13.56 -1.30 6.41
N THR A 275 -13.07 -1.33 5.18
CA THR A 275 -12.18 -0.29 4.69
C THR A 275 -12.72 1.14 4.75
N MET A 276 -13.98 1.35 4.35
CA MET A 276 -14.53 2.69 4.37
C MET A 276 -14.76 3.26 5.76
N ILE A 277 -14.85 2.40 6.77
CA ILE A 277 -15.03 2.87 8.14
C ILE A 277 -13.69 3.19 8.73
N ASP A 278 -12.68 2.38 8.42
CA ASP A 278 -11.32 2.60 8.92
C ASP A 278 -10.69 3.89 8.39
N GLN A 279 -10.87 4.13 7.09
CA GLN A 279 -10.28 5.30 6.50
C GLN A 279 -10.89 6.58 7.04
N ASN A 280 -12.18 6.54 7.35
CA ASN A 280 -12.84 7.70 7.87
C ASN A 280 -12.20 8.22 9.16
N PHE A 281 -12.00 7.32 10.12
CA PHE A 281 -11.41 7.66 11.41
C PHE A 281 -9.91 7.89 11.35
N SER A 282 -9.21 7.18 10.47
CA SER A 282 -7.77 7.42 10.40
C SER A 282 -7.61 8.83 9.82
N ARG A 283 -8.42 9.16 8.81
CA ARG A 283 -8.34 10.49 8.23
C ARG A 283 -8.66 11.57 9.28
N ILE A 284 -9.62 11.33 10.17
CA ILE A 284 -9.96 12.36 11.18
C ILE A 284 -8.74 12.66 12.04
N ILE A 285 -8.13 11.62 12.58
CA ILE A 285 -6.96 11.72 13.43
C ILE A 285 -5.82 12.45 12.69
N ASN A 286 -5.47 11.96 11.51
CA ASN A 286 -4.41 12.57 10.72
C ASN A 286 -4.66 14.04 10.47
N GLY A 287 -5.90 14.34 10.08
CA GLY A 287 -6.33 15.70 9.81
C GLY A 287 -6.10 16.59 11.03
N PHE A 288 -6.66 16.19 12.17
CA PHE A 288 -6.53 16.95 13.39
C PHE A 288 -5.10 17.05 13.80
N ALA A 289 -4.32 16.01 13.51
CA ALA A 289 -2.89 16.02 13.87
C ALA A 289 -2.05 16.90 12.99
N GLY A 290 -2.65 17.51 11.96
CA GLY A 290 -1.87 18.37 11.08
C GLY A 290 -1.07 17.58 10.06
N VAL A 291 -1.36 16.30 9.94
CA VAL A 291 -0.64 15.45 9.02
C VAL A 291 -1.05 15.61 7.55
N ILE A 292 -0.10 15.45 6.66
CA ILE A 292 -0.38 15.51 5.24
C ILE A 292 -0.44 14.06 4.83
N ILE A 293 -1.57 13.66 4.25
CA ILE A 293 -1.70 12.28 3.81
C ILE A 293 -1.17 12.15 2.37
N ASN A 294 -0.99 10.92 1.92
CA ASN A 294 -0.55 10.68 0.54
C ASN A 294 -1.49 9.61 0.02
N THR A 295 -1.96 9.77 -1.20
CA THR A 295 -2.84 8.77 -1.76
C THR A 295 -2.01 7.89 -2.69
N GLY A 296 -2.54 6.74 -3.06
CA GLY A 296 -1.76 5.85 -3.91
C GLY A 296 -2.18 5.67 -5.35
N GLU A 297 -2.45 6.74 -6.07
CA GLU A 297 -2.87 6.60 -7.44
C GLU A 297 -1.82 5.91 -8.33
N ASP A 298 -0.55 5.96 -7.95
CA ASP A 298 0.47 5.28 -8.74
C ASP A 298 0.10 3.77 -8.96
N ASN A 299 -0.56 3.16 -7.97
CA ASN A 299 -0.98 1.76 -8.02
C ASN A 299 -1.82 1.48 -9.20
N TYR A 300 -2.51 2.50 -9.71
CA TYR A 300 -3.37 2.35 -10.89
C TYR A 300 -2.57 2.48 -12.19
N LEU A 301 -1.33 2.99 -12.11
CA LEU A 301 -0.49 3.23 -13.28
C LEU A 301 0.72 2.34 -13.44
N THR A 302 1.11 1.62 -12.39
CA THR A 302 2.30 0.78 -12.46
C THR A 302 2.19 -0.46 -13.34
N THR A 303 0.98 -0.86 -13.68
CA THR A 303 0.84 -2.07 -14.47
C THR A 303 -0.09 -1.87 -15.66
N ALA A 304 -1.20 -1.17 -15.43
CA ALA A 304 -2.19 -0.92 -16.47
C ALA A 304 -1.51 0.02 -17.43
N ASP A 305 -2.12 0.28 -18.59
CA ASP A 305 -1.54 1.21 -19.55
C ASP A 305 -1.80 2.61 -19.02
N ALA A 306 -0.75 3.30 -18.58
CA ALA A 306 -0.88 4.64 -18.01
C ALA A 306 -1.55 5.70 -18.87
N PHE A 307 -1.51 5.53 -20.18
CA PHE A 307 -2.11 6.50 -21.05
C PHE A 307 -3.62 6.35 -21.01
N GLU A 308 -4.09 5.13 -20.85
CA GLU A 308 -5.51 5.01 -20.88
C GLU A 308 -6.19 4.92 -19.56
N GLU A 309 -5.41 5.04 -18.51
CA GLU A 309 -5.97 4.98 -17.19
C GLU A 309 -5.91 6.33 -16.50
N ALA A 310 -5.50 7.36 -17.24
CA ALA A 310 -5.39 8.67 -16.65
C ALA A 310 -6.71 9.18 -16.01
N HIS A 311 -7.87 8.81 -16.55
CA HIS A 311 -9.12 9.29 -15.96
C HIS A 311 -9.43 8.54 -14.66
N THR A 312 -8.97 7.29 -14.57
CA THR A 312 -9.20 6.54 -13.35
C THR A 312 -8.48 7.29 -12.25
N VAL A 313 -7.23 7.69 -12.54
CA VAL A 313 -6.41 8.40 -11.58
C VAL A 313 -7.06 9.73 -11.17
N LEU A 314 -7.52 10.50 -12.14
CA LEU A 314 -8.14 11.78 -11.84
C LEU A 314 -9.39 11.57 -10.99
N ALA A 315 -10.19 10.53 -11.31
CA ALA A 315 -11.43 10.21 -10.58
C ALA A 315 -11.09 9.84 -9.12
N SER A 316 -10.06 9.02 -8.98
CA SER A 316 -9.53 8.57 -7.69
C SER A 316 -9.13 9.79 -6.85
N GLN A 317 -8.39 10.70 -7.46
CA GLN A 317 -7.97 11.88 -6.75
C GLN A 317 -9.20 12.65 -6.23
N PHE A 318 -10.20 12.89 -7.08
CA PHE A 318 -11.44 13.61 -6.70
C PHE A 318 -12.12 12.93 -5.53
N ILE A 319 -12.31 11.62 -5.68
CA ILE A 319 -12.94 10.83 -4.66
C ILE A 319 -12.20 10.87 -3.31
N ASN A 320 -10.86 10.84 -3.33
CA ASN A 320 -10.09 10.90 -2.09
C ASN A 320 -10.26 12.26 -1.49
N GLU A 321 -10.32 13.26 -2.34
CA GLU A 321 -10.46 14.64 -1.91
C GLU A 321 -11.73 14.81 -1.07
N GLN A 322 -12.86 14.40 -1.65
CA GLN A 322 -14.15 14.49 -1.04
C GLN A 322 -14.30 13.77 0.29
N PHE A 323 -13.69 12.60 0.42
CA PHE A 323 -13.74 11.87 1.69
C PHE A 323 -12.90 12.64 2.72
N ALA A 324 -11.66 12.94 2.37
CA ALA A 324 -10.78 13.68 3.26
C ALA A 324 -11.56 14.89 3.86
N LEU A 325 -12.40 15.50 3.03
CA LEU A 325 -13.17 16.64 3.45
C LEU A 325 -14.16 16.22 4.52
N LEU A 326 -14.96 15.19 4.23
CA LEU A 326 -15.91 14.67 5.20
C LEU A 326 -15.24 14.27 6.51
N ALA A 327 -13.90 14.18 6.54
CA ALA A 327 -13.20 13.86 7.78
C ALA A 327 -12.46 15.05 8.35
N GLY A 328 -12.74 16.25 7.83
CA GLY A 328 -12.12 17.47 8.33
C GLY A 328 -10.71 17.79 7.86
N LEU A 329 -10.20 17.01 6.92
CA LEU A 329 -8.86 17.25 6.39
C LEU A 329 -9.02 18.29 5.32
N PRO A 330 -8.28 19.37 5.44
CA PRO A 330 -8.29 20.47 4.48
C PRO A 330 -7.39 20.19 3.25
N GLU A 331 -7.58 20.97 2.19
CA GLU A 331 -6.80 20.78 0.97
C GLU A 331 -5.32 20.90 1.12
N GLU A 332 -4.86 21.74 2.05
CA GLU A 332 -3.41 21.91 2.21
C GLU A 332 -2.80 20.75 2.97
N GLN A 333 -3.64 19.76 3.26
CA GLN A 333 -3.18 18.58 3.94
C GLN A 333 -3.35 17.34 3.06
N MET A 334 -4.04 17.50 1.92
CA MET A 334 -4.21 16.35 1.03
C MET A 334 -3.14 16.20 -0.09
N GLY A 335 -2.10 15.42 0.21
CA GLY A 335 -1.05 15.17 -0.74
C GLY A 335 -1.44 14.15 -1.79
N LEU A 336 -2.42 14.51 -2.61
CA LEU A 336 -2.93 13.65 -3.69
C LEU A 336 -1.77 13.24 -4.57
N GLY A 337 -1.83 12.02 -5.10
CA GLY A 337 -0.73 11.55 -5.91
C GLY A 337 -0.99 11.24 -7.37
N HIS A 338 0.10 11.28 -8.14
CA HIS A 338 0.07 10.93 -9.55
C HIS A 338 1.49 10.55 -9.98
N ALA A 339 1.69 10.15 -11.24
CA ALA A 339 3.01 9.67 -11.65
C ALA A 339 3.36 9.84 -13.11
N PHE A 340 4.67 9.78 -13.37
CA PHE A 340 5.27 9.87 -14.69
C PHE A 340 5.50 8.38 -15.07
N GLU A 341 4.45 7.70 -15.54
CA GLU A 341 4.52 6.28 -15.87
C GLU A 341 4.23 5.89 -17.31
N MET A 342 4.12 6.86 -18.21
CA MET A 342 3.86 6.48 -19.60
C MET A 342 5.14 5.95 -20.23
N ASP A 343 4.96 5.11 -21.23
CA ASP A 343 6.05 4.50 -21.96
C ASP A 343 7.00 5.53 -22.53
N PRO A 344 8.29 5.42 -22.26
CA PRO A 344 9.24 6.39 -22.81
C PRO A 344 9.32 6.43 -24.36
N GLU A 345 8.89 5.37 -25.04
CA GLU A 345 8.91 5.31 -26.51
C GLU A 345 7.64 5.90 -27.15
N LEU A 346 6.74 6.44 -26.33
CA LEU A 346 5.50 7.01 -26.82
C LEU A 346 5.74 8.39 -27.47
N LYS A 347 5.33 8.54 -28.72
CA LYS A 347 5.54 9.83 -29.37
C LYS A 347 4.79 10.93 -28.60
N ASN A 348 5.44 12.07 -28.43
CA ASN A 348 4.88 13.19 -27.72
C ASN A 348 4.51 12.79 -26.30
N GLY A 349 4.88 11.58 -25.89
CA GLY A 349 4.58 11.16 -24.54
C GLY A 349 4.87 12.23 -23.47
N PHE A 350 6.07 12.81 -23.46
CA PHE A 350 6.41 13.83 -22.49
C PHE A 350 5.40 15.01 -22.50
N LEU A 351 4.84 15.31 -23.66
CA LEU A 351 3.83 16.37 -23.75
C LEU A 351 2.55 15.90 -23.04
N TYR A 352 2.16 14.65 -23.19
CA TYR A 352 0.96 14.19 -22.49
C TYR A 352 1.15 14.18 -20.94
N GLU A 353 2.35 13.84 -20.49
CA GLU A 353 2.61 13.76 -19.05
C GLU A 353 2.54 15.12 -18.43
N LEU A 354 3.22 16.05 -19.06
CA LEU A 354 3.26 17.43 -18.61
C LEU A 354 1.84 17.96 -18.54
N SER A 355 1.05 17.66 -19.57
CA SER A 355 -0.33 18.11 -19.60
C SER A 355 -1.16 17.67 -18.40
N GLN A 356 -1.12 16.37 -18.10
CA GLN A 356 -1.90 15.83 -17.02
C GLN A 356 -1.42 16.38 -15.70
N ALA A 357 -0.09 16.51 -15.53
CA ALA A 357 0.47 17.03 -14.28
C ALA A 357 0.03 18.45 -14.05
N GLN A 358 -0.05 19.19 -15.16
CA GLN A 358 -0.50 20.57 -15.11
C GLN A 358 -2.01 20.59 -14.79
N MET A 359 -2.76 19.63 -15.33
CA MET A 359 -4.21 19.50 -15.10
C MET A 359 -4.50 19.36 -13.60
N ALA A 360 -3.89 18.35 -12.96
CA ALA A 360 -4.07 18.12 -11.55
C ALA A 360 -3.71 19.34 -10.72
N ARG A 361 -2.65 20.01 -11.12
CA ARG A 361 -2.22 21.22 -10.40
C ARG A 361 -3.27 22.33 -10.44
N GLU A 362 -4.02 22.40 -11.53
CA GLU A 362 -4.99 23.45 -11.66
C GLU A 362 -6.27 23.04 -11.01
N ILE A 363 -6.56 21.74 -11.01
CA ILE A 363 -7.79 21.24 -10.38
C ILE A 363 -7.74 21.25 -8.84
N PHE A 364 -6.58 20.91 -8.29
CA PHE A 364 -6.36 20.89 -6.83
C PHE A 364 -5.30 21.95 -6.55
N PRO A 365 -5.65 23.22 -6.71
CA PRO A 365 -4.70 24.32 -6.47
C PRO A 365 -4.14 24.52 -5.13
N LYS A 366 -4.79 24.00 -4.10
CA LYS A 366 -4.25 24.20 -2.75
C LYS A 366 -3.55 22.98 -2.15
N ALA A 367 -3.68 21.83 -2.81
CA ALA A 367 -3.10 20.57 -2.37
C ALA A 367 -1.62 20.46 -2.62
N PRO A 368 -0.87 19.92 -1.64
CA PRO A 368 0.59 19.77 -1.85
C PRO A 368 0.75 18.44 -2.65
N LEU A 369 0.44 18.49 -3.94
CA LEU A 369 0.49 17.31 -4.79
C LEU A 369 1.78 16.48 -4.71
N LYS A 370 1.62 15.16 -4.82
CA LYS A 370 2.75 14.19 -4.76
C LYS A 370 2.91 13.59 -6.15
N TYR A 371 4.08 13.84 -6.75
CA TYR A 371 4.30 13.33 -8.09
C TYR A 371 5.35 12.22 -7.97
N MET A 372 5.05 11.04 -8.51
CA MET A 372 5.98 9.91 -8.35
C MET A 372 6.74 9.55 -9.62
N PRO A 373 7.96 8.99 -9.50
CA PRO A 373 8.83 8.60 -10.60
C PRO A 373 8.45 7.41 -11.46
N PRO A 374 9.10 7.28 -12.62
CA PRO A 374 8.74 6.13 -13.44
C PRO A 374 9.35 4.90 -12.83
N THR A 375 8.63 3.80 -12.93
CA THR A 375 9.14 2.56 -12.40
C THR A 375 8.92 1.39 -13.35
N LYS A 376 7.74 1.29 -13.96
CA LYS A 376 7.53 0.15 -14.85
C LYS A 376 8.45 0.11 -16.07
N PHE A 377 8.83 1.24 -16.63
CA PHE A 377 9.72 1.13 -17.77
C PHE A 377 11.17 1.39 -17.40
N MET A 378 11.45 1.54 -16.12
CA MET A 378 12.83 1.80 -15.71
C MET A 378 13.57 0.46 -15.89
N THR A 379 14.60 0.40 -16.74
CA THR A 379 15.32 -0.89 -16.95
C THR A 379 16.74 -0.92 -16.42
N GLY A 380 17.50 -1.92 -16.87
CA GLY A 380 18.88 -2.13 -16.44
C GLY A 380 19.83 -1.12 -17.04
N ASN A 381 19.31 -0.35 -17.99
CA ASN A 381 20.08 0.69 -18.68
C ASN A 381 20.19 1.92 -17.79
N ILE A 382 20.95 1.83 -16.73
CA ILE A 382 21.08 2.94 -15.81
C ILE A 382 21.24 4.34 -16.46
N PHE A 383 21.78 4.39 -17.68
CA PHE A 383 21.97 5.68 -18.34
C PHE A 383 20.68 6.30 -18.87
N LYS A 384 19.89 5.47 -19.53
CA LYS A 384 18.61 5.87 -20.05
C LYS A 384 17.70 6.25 -18.82
N GLY A 385 17.74 5.41 -17.80
CA GLY A 385 16.95 5.65 -16.61
C GLY A 385 17.22 6.96 -15.93
N HIS A 386 18.47 7.39 -15.93
CA HIS A 386 18.79 8.66 -15.29
C HIS A 386 18.12 9.78 -16.08
N ILE A 387 18.09 9.66 -17.42
CA ILE A 387 17.48 10.72 -18.21
C ILE A 387 15.97 10.72 -18.13
N GLN A 388 15.35 9.54 -17.99
CA GLN A 388 13.89 9.58 -17.87
C GLN A 388 13.52 10.05 -16.46
N ASP A 389 14.47 10.03 -15.54
CA ASP A 389 14.21 10.54 -14.19
C ASP A 389 14.31 12.06 -14.35
N ALA A 390 15.11 12.48 -15.31
CA ALA A 390 15.31 13.90 -15.57
C ALA A 390 14.04 14.50 -16.21
N LEU A 391 13.43 13.78 -17.16
CA LEU A 391 12.24 14.32 -17.79
C LEU A 391 11.14 14.40 -16.74
N PHE A 392 11.22 13.49 -15.76
CA PHE A 392 10.28 13.43 -14.63
C PHE A 392 10.55 14.67 -13.75
N ASN A 393 11.81 14.90 -13.42
CA ASN A 393 12.15 16.08 -12.64
C ASN A 393 11.65 17.34 -13.34
N MET A 394 11.74 17.38 -14.67
CA MET A 394 11.31 18.57 -15.39
C MET A 394 9.85 18.89 -15.17
N VAL A 395 8.99 17.88 -15.30
CA VAL A 395 7.56 18.07 -15.07
C VAL A 395 7.28 18.71 -13.69
N THR A 396 7.96 18.25 -12.64
CA THR A 396 7.72 18.84 -11.35
C THR A 396 7.97 20.35 -11.33
N ILE A 397 9.12 20.81 -11.80
CA ILE A 397 9.37 22.24 -11.82
C ILE A 397 8.49 22.99 -12.84
N MET A 398 8.06 22.35 -13.93
CA MET A 398 7.20 23.03 -14.92
C MET A 398 5.78 23.17 -14.41
N THR A 399 5.39 22.29 -13.49
CA THR A 399 4.03 22.31 -13.00
C THR A 399 3.87 22.56 -11.51
N ASN A 400 4.92 22.92 -10.81
CA ASN A 400 4.84 23.21 -9.37
C ASN A 400 4.27 22.13 -8.44
N GLN A 401 4.76 20.91 -8.57
CA GLN A 401 4.32 19.82 -7.73
C GLN A 401 5.02 20.14 -6.42
N ARG A 402 4.52 19.62 -5.31
CA ARG A 402 5.08 19.93 -4.00
C ARG A 402 5.85 18.80 -3.29
N ILE A 403 5.40 17.56 -3.46
CA ILE A 403 6.13 16.49 -2.84
C ILE A 403 6.72 15.66 -3.95
N HIS A 404 8.03 15.73 -4.05
CA HIS A 404 8.75 15.04 -5.11
C HIS A 404 9.44 13.78 -4.67
N LEU A 405 8.89 12.65 -5.09
CA LEU A 405 9.46 11.35 -4.73
C LEU A 405 10.58 11.06 -5.74
N LEU A 406 11.84 11.39 -5.39
CA LEU A 406 12.94 11.19 -6.34
C LEU A 406 13.07 9.82 -6.99
N GLY A 407 13.20 9.80 -8.31
CA GLY A 407 13.39 8.53 -9.01
C GLY A 407 14.84 8.06 -8.87
N MET A 408 15.13 6.77 -9.04
CA MET A 408 16.52 6.35 -8.92
C MET A 408 16.99 5.74 -10.23
N LEU A 409 18.23 6.03 -10.65
CA LEU A 409 18.71 5.43 -11.89
C LEU A 409 18.72 3.93 -11.75
N THR A 410 18.88 3.45 -10.52
CA THR A 410 18.92 2.01 -10.24
C THR A 410 17.54 1.36 -9.98
N GLU A 411 16.50 2.17 -10.05
CA GLU A 411 15.12 1.74 -9.80
C GLU A 411 14.80 0.24 -10.00
N ALA A 412 14.85 -0.22 -11.22
CA ALA A 412 14.55 -1.59 -11.53
C ALA A 412 15.57 -2.59 -10.95
N LEU A 413 16.63 -2.10 -10.31
CA LEU A 413 17.65 -3.02 -9.81
C LEU A 413 17.73 -3.37 -8.33
N HIS A 414 17.69 -2.36 -7.47
CA HIS A 414 17.84 -2.63 -6.05
C HIS A 414 17.60 -1.35 -5.22
N THR A 415 17.39 -1.45 -3.90
CA THR A 415 17.20 -0.19 -3.16
C THR A 415 18.49 0.58 -3.46
N PRO A 416 18.38 1.91 -3.59
CA PRO A 416 19.55 2.75 -3.89
C PRO A 416 20.76 2.62 -3.00
N PHE A 417 21.95 2.86 -3.54
CA PHE A 417 23.20 2.86 -2.76
C PHE A 417 23.41 4.32 -2.35
N MET A 418 24.49 4.62 -1.63
CA MET A 418 24.78 6.01 -1.22
C MET A 418 24.85 6.84 -2.50
N SER A 419 25.55 6.28 -3.51
CA SER A 419 25.76 6.90 -4.80
C SER A 419 24.46 7.12 -5.58
N ASP A 420 23.65 6.07 -5.68
CA ASP A 420 22.37 6.20 -6.38
C ASP A 420 21.58 7.40 -5.78
N ARG A 421 21.58 7.54 -4.45
CA ARG A 421 20.82 8.63 -3.86
C ARG A 421 21.33 10.02 -4.26
N ALA A 422 22.66 10.19 -4.21
CA ALA A 422 23.36 11.43 -4.55
C ALA A 422 23.12 11.88 -5.97
N LEU A 423 23.35 10.95 -6.89
CA LEU A 423 23.15 11.22 -8.31
C LEU A 423 21.75 11.69 -8.56
N SER A 424 20.79 11.04 -7.90
CA SER A 424 19.37 11.34 -8.06
C SER A 424 19.03 12.70 -7.55
N ILE A 425 19.70 13.10 -6.49
CA ILE A 425 19.47 14.42 -5.94
C ILE A 425 20.17 15.49 -6.79
N GLU A 426 21.39 15.25 -7.26
CA GLU A 426 22.04 16.28 -8.06
C GLU A 426 21.26 16.48 -9.36
N ASN A 427 20.74 15.39 -9.91
CA ASN A 427 19.98 15.44 -11.15
C ASN A 427 18.78 16.37 -10.90
N ALA A 428 18.09 16.13 -9.78
CA ALA A 428 16.96 16.95 -9.45
C ALA A 428 17.31 18.42 -9.14
N GLN A 429 18.47 18.67 -8.52
CA GLN A 429 18.84 20.05 -8.15
C GLN A 429 19.32 20.78 -9.41
N TYR A 430 20.01 20.06 -10.30
CA TYR A 430 20.44 20.65 -11.55
C TYR A 430 19.13 21.10 -12.25
N ILE A 431 18.28 20.17 -12.65
CA ILE A 431 17.04 20.59 -13.28
C ILE A 431 16.23 21.63 -12.49
N PHE A 432 16.02 21.45 -11.19
CA PHE A 432 15.23 22.45 -10.47
C PHE A 432 15.83 23.82 -10.52
N ASN A 433 17.16 23.90 -10.46
CA ASN A 433 17.79 25.21 -10.49
C ASN A 433 17.95 25.79 -11.90
N ASN A 434 18.30 24.93 -12.84
CA ASN A 434 18.52 25.39 -14.18
C ASN A 434 17.27 25.86 -14.90
N MET A 435 16.13 25.30 -14.49
CA MET A 435 14.83 25.63 -15.09
C MET A 435 13.91 26.32 -14.08
N GLU A 436 14.47 26.89 -13.02
CA GLU A 436 13.69 27.50 -11.95
C GLU A 436 12.40 28.22 -12.28
N SER A 437 12.42 29.18 -13.20
CA SER A 437 11.21 29.91 -13.56
C SER A 437 10.47 29.34 -14.75
N ILE A 438 10.93 28.23 -15.29
CA ILE A 438 10.26 27.67 -16.45
C ILE A 438 8.73 27.58 -16.45
N SER A 439 8.09 27.50 -15.30
CA SER A 439 6.63 27.41 -15.32
C SER A 439 5.97 28.77 -15.61
N GLU A 440 6.60 29.87 -15.19
CA GLU A 440 6.05 31.20 -15.45
C GLU A 440 6.33 31.54 -16.92
N GLU A 441 7.51 31.14 -17.38
CA GLU A 441 7.89 31.42 -18.74
C GLU A 441 7.09 30.69 -19.79
N ILE A 442 6.83 29.42 -19.51
CA ILE A 442 6.13 28.58 -20.46
C ILE A 442 4.62 28.63 -20.51
N GLN A 443 4.08 28.69 -21.71
CA GLN A 443 2.65 28.68 -21.91
C GLN A 443 2.35 27.64 -22.99
N PHE A 444 1.08 27.27 -23.12
CA PHE A 444 0.70 26.29 -24.10
C PHE A 444 -0.16 26.82 -25.23
N LYS A 445 0.13 26.39 -26.45
CA LYS A 445 -0.64 26.76 -27.63
C LYS A 445 -2.16 26.54 -27.50
N GLU A 446 -2.93 27.51 -27.99
CA GLU A 446 -4.39 27.52 -28.04
C GLU A 446 -5.16 26.22 -27.91
N ASP A 447 -5.33 25.47 -28.98
CA ASP A 447 -6.05 24.22 -28.75
C ASP A 447 -5.18 23.09 -29.25
N GLY A 448 -3.94 23.05 -28.75
CA GLY A 448 -3.02 21.99 -29.13
C GLY A 448 -3.08 20.77 -28.23
N LEU A 449 -2.37 19.71 -28.61
CA LEU A 449 -2.27 18.46 -27.87
C LEU A 449 -2.33 18.63 -26.37
N ILE A 450 -1.44 19.45 -25.84
CA ILE A 450 -1.41 19.66 -24.41
C ILE A 450 -2.78 20.03 -23.83
N GLN A 451 -3.30 21.17 -24.22
CA GLN A 451 -4.61 21.57 -23.70
C GLN A 451 -5.74 20.58 -24.02
N LYS A 452 -5.74 20.02 -25.23
CA LYS A 452 -6.78 19.08 -25.60
C LYS A 452 -6.63 17.79 -24.82
N ARG A 453 -5.40 17.35 -24.53
CA ARG A 453 -5.23 16.12 -23.75
C ARG A 453 -5.90 16.28 -22.38
N ALA A 454 -5.54 17.35 -21.70
CA ALA A 454 -6.10 17.61 -20.38
C ALA A 454 -7.66 17.57 -20.35
N GLY A 455 -8.30 18.25 -21.29
CA GLY A 455 -9.74 18.27 -21.30
C GLY A 455 -10.39 16.94 -21.59
N PHE A 456 -9.67 16.04 -22.25
CA PHE A 456 -10.23 14.74 -22.60
C PHE A 456 -10.22 13.87 -21.32
N VAL A 457 -9.11 13.97 -20.59
CA VAL A 457 -8.95 13.24 -19.34
C VAL A 457 -10.05 13.74 -18.41
N LEU A 458 -10.19 15.07 -18.29
CA LEU A 458 -11.24 15.64 -17.44
C LEU A 458 -12.66 15.21 -17.90
N GLU A 459 -12.95 15.28 -19.19
CA GLU A 459 -14.28 14.85 -19.62
C GLU A 459 -14.50 13.39 -19.29
N LYS A 460 -13.46 12.57 -19.41
CA LYS A 460 -13.58 11.15 -19.14
C LYS A 460 -13.73 10.80 -17.66
N ALA A 461 -13.07 11.56 -16.81
CA ALA A 461 -13.13 11.30 -15.39
C ALA A 461 -14.50 11.68 -14.94
N ASN A 462 -15.06 12.71 -15.56
CA ASN A 462 -16.38 13.15 -15.19
C ASN A 462 -17.37 12.07 -15.56
N GLU A 463 -17.19 11.50 -16.75
CA GLU A 463 -18.04 10.43 -17.26
C GLU A 463 -18.00 9.19 -16.32
N LEU A 464 -16.82 8.87 -15.84
CA LEU A 464 -16.65 7.74 -14.95
C LEU A 464 -17.36 7.95 -13.62
N LEU A 465 -17.12 9.13 -13.03
CA LEU A 465 -17.72 9.46 -11.74
C LEU A 465 -19.24 9.56 -11.84
N GLU A 466 -19.76 9.79 -13.04
CA GLU A 466 -21.21 9.87 -13.22
C GLU A 466 -21.83 8.50 -13.05
N GLU A 467 -21.14 7.45 -13.53
CA GLU A 467 -21.61 6.08 -13.37
C GLU A 467 -21.35 5.63 -11.92
N ILE A 468 -20.20 5.97 -11.38
CA ILE A 468 -19.90 5.59 -10.04
C ILE A 468 -20.97 6.18 -9.12
N GLU A 469 -21.44 7.40 -9.41
CA GLU A 469 -22.45 8.08 -8.59
C GLU A 469 -23.84 7.47 -8.75
N GLN A 470 -24.07 6.86 -9.91
CA GLN A 470 -25.33 6.20 -10.26
C GLN A 470 -25.54 4.91 -9.48
N LEU A 471 -24.44 4.25 -9.16
CA LEU A 471 -24.45 2.96 -8.49
C LEU A 471 -24.09 3.06 -7.03
N GLY A 472 -23.47 4.16 -6.67
CA GLY A 472 -22.99 4.30 -5.32
C GLY A 472 -21.65 3.56 -5.36
N LEU A 473 -20.78 3.89 -4.44
CA LEU A 473 -19.47 3.26 -4.38
C LEU A 473 -19.44 1.71 -4.26
N PHE A 474 -20.20 1.12 -3.33
CA PHE A 474 -20.19 -0.34 -3.15
C PHE A 474 -20.58 -1.12 -4.39
N ASP A 475 -21.65 -0.68 -5.04
CA ASP A 475 -22.06 -1.35 -6.27
C ASP A 475 -21.02 -1.16 -7.33
N THR A 476 -20.37 0.01 -7.33
CA THR A 476 -19.35 0.24 -8.32
C THR A 476 -18.29 -0.83 -8.20
N LEU A 477 -17.78 -1.01 -6.97
CA LEU A 477 -16.73 -2.01 -6.69
C LEU A 477 -17.22 -3.43 -6.94
N GLU A 478 -18.50 -3.70 -6.68
CA GLU A 478 -19.01 -5.04 -6.92
C GLU A 478 -18.93 -5.39 -8.38
N LYS A 479 -19.00 -4.41 -9.27
CA LYS A 479 -18.91 -4.77 -10.64
C LYS A 479 -17.64 -4.39 -11.40
N GLY A 480 -16.59 -4.01 -10.68
CA GLY A 480 -15.33 -3.71 -11.35
C GLY A 480 -15.28 -2.51 -12.28
N ILE A 481 -16.30 -1.69 -12.23
CA ILE A 481 -16.37 -0.50 -13.02
C ILE A 481 -15.22 0.44 -12.72
N PHE A 482 -14.59 0.29 -11.56
CA PHE A 482 -13.49 1.18 -11.23
C PHE A 482 -12.25 0.40 -10.89
N GLY A 483 -11.16 0.72 -11.58
CA GLY A 483 -9.86 0.08 -11.38
C GLY A 483 -9.72 -1.27 -12.06
N GLY A 484 -10.69 -1.64 -12.88
CA GLY A 484 -10.65 -2.91 -13.55
C GLY A 484 -10.69 -4.05 -12.54
N VAL A 485 -11.06 -3.74 -11.29
CA VAL A 485 -11.14 -4.77 -10.27
C VAL A 485 -12.52 -4.86 -9.65
N LYS A 486 -13.05 -6.08 -9.58
CA LYS A 486 -14.36 -6.41 -8.99
C LYS A 486 -14.15 -6.94 -7.58
N ARG A 487 -14.92 -6.45 -6.60
CA ARG A 487 -14.78 -6.94 -5.23
C ARG A 487 -16.15 -7.03 -4.59
N PRO A 488 -16.43 -8.15 -3.91
CA PRO A 488 -17.67 -8.52 -3.20
C PRO A 488 -18.03 -7.68 -1.97
N LYS A 489 -19.22 -7.11 -2.00
CA LYS A 489 -19.74 -6.24 -0.94
C LYS A 489 -19.59 -6.84 0.45
N ASP A 490 -19.63 -8.16 0.49
CA ASP A 490 -19.50 -8.87 1.76
C ASP A 490 -18.35 -9.89 1.67
N GLY A 491 -17.39 -9.59 0.79
CA GLY A 491 -16.25 -10.48 0.64
C GLY A 491 -15.02 -9.82 1.22
N GLY A 492 -13.85 -10.31 0.83
CA GLY A 492 -12.63 -9.72 1.32
C GLY A 492 -12.39 -9.95 2.80
N LYS A 493 -11.21 -9.51 3.23
CA LYS A 493 -10.78 -9.68 4.60
C LYS A 493 -11.32 -8.58 5.53
N GLY A 494 -11.62 -8.96 6.78
CA GLY A 494 -12.12 -8.03 7.79
C GLY A 494 -13.60 -7.70 7.98
N LEU A 495 -14.47 -8.29 7.19
CA LEU A 495 -15.87 -7.97 7.32
C LEU A 495 -16.38 -8.35 8.71
N ASN A 496 -15.86 -9.45 9.21
CA ASN A 496 -16.24 -9.96 10.52
C ASN A 496 -15.77 -9.04 11.63
N GLY A 497 -15.12 -7.93 11.29
CA GLY A 497 -14.65 -7.03 12.34
C GLY A 497 -15.41 -5.71 12.36
N VAL A 498 -16.44 -5.70 11.53
CA VAL A 498 -17.35 -4.60 11.32
C VAL A 498 -18.62 -4.70 12.13
N VAL A 499 -18.89 -3.73 12.98
CA VAL A 499 -20.14 -3.83 13.67
C VAL A 499 -21.02 -2.57 13.55
N SER A 500 -22.34 -2.76 13.47
CA SER A 500 -23.23 -1.59 13.41
C SER A 500 -23.32 -0.98 14.81
N LYS A 501 -23.43 0.34 14.86
CA LYS A 501 -23.49 1.05 16.14
C LYS A 501 -24.83 0.94 16.81
N ASP A 502 -24.83 0.77 18.11
CA ASP A 502 -26.12 0.75 18.74
C ASP A 502 -26.33 2.18 19.30
N GLU A 503 -27.60 2.53 19.54
CA GLU A 503 -28.04 3.82 20.06
C GLU A 503 -27.15 4.48 21.11
N ASN A 504 -26.43 3.71 21.91
CA ASN A 504 -25.61 4.36 22.91
C ASN A 504 -24.14 4.43 22.64
N TYR A 505 -23.76 4.15 21.39
CA TYR A 505 -22.37 4.20 20.95
C TYR A 505 -21.75 5.58 21.26
N TYR A 506 -20.43 5.63 21.49
CA TYR A 506 -19.84 6.92 21.76
C TYR A 506 -18.33 6.95 21.60
N ASN A 507 -17.83 7.78 20.66
CA ASN A 507 -16.38 7.92 20.50
C ASN A 507 -16.10 9.34 20.94
N PRO A 508 -15.58 9.50 22.14
CA PRO A 508 -15.34 10.88 22.53
C PRO A 508 -14.34 11.58 21.61
N PHE A 509 -13.52 10.80 20.92
CA PHE A 509 -12.48 11.38 20.07
C PHE A 509 -12.94 12.07 18.81
N VAL A 510 -14.11 11.66 18.31
CA VAL A 510 -14.64 12.25 17.11
C VAL A 510 -15.01 13.71 17.35
N GLU A 511 -15.83 13.98 18.36
CA GLU A 511 -16.22 15.36 18.66
C GLU A 511 -15.02 16.20 19.08
N LEU A 512 -14.02 15.58 19.69
CA LEU A 512 -12.85 16.38 20.06
C LEU A 512 -12.00 16.74 18.85
N MET A 513 -11.84 15.80 17.89
CA MET A 513 -11.01 15.99 16.69
C MET A 513 -11.76 16.53 15.46
N LEU A 514 -12.99 16.10 15.26
CA LEU A 514 -13.77 16.58 14.13
C LEU A 514 -14.57 17.81 14.62
N ASN A 515 -15.70 17.54 15.28
CA ASN A 515 -16.64 18.54 15.83
C ASN A 515 -17.35 19.26 14.69
N LYS A 516 -17.58 18.52 13.61
CA LYS A 516 -18.20 18.96 12.35
C LYS A 516 -17.27 19.84 11.50
N LYS B 33 30.24 -3.83 -3.21
CA LYS B 33 29.43 -3.72 -4.48
C LYS B 33 30.04 -2.76 -5.50
N VAL B 34 29.89 -3.10 -6.77
CA VAL B 34 30.49 -2.31 -7.81
C VAL B 34 29.69 -2.26 -9.10
N GLN B 35 29.58 -1.03 -9.63
CA GLN B 35 28.91 -0.81 -10.90
C GLN B 35 30.04 -0.89 -11.91
N LEU B 36 29.76 -1.64 -12.97
CA LEU B 36 30.76 -1.88 -13.98
C LEU B 36 30.10 -2.03 -15.37
N SER B 37 30.54 -1.24 -16.33
CA SER B 37 29.97 -1.33 -17.69
C SER B 37 31.08 -1.42 -18.71
N PHE B 38 30.75 -2.05 -19.83
CA PHE B 38 31.67 -2.25 -20.93
C PHE B 38 30.93 -2.89 -22.10
N THR B 39 31.68 -3.25 -23.14
CA THR B 39 31.06 -3.87 -24.31
C THR B 39 31.96 -4.96 -24.93
N LEU B 40 31.35 -6.11 -25.20
CA LEU B 40 32.08 -7.21 -25.83
C LEU B 40 31.69 -7.19 -27.30
N PRO B 41 32.52 -7.82 -28.16
CA PRO B 41 32.24 -7.88 -29.61
C PRO B 41 31.61 -9.20 -30.05
N LEU B 42 30.49 -9.58 -29.44
CA LEU B 42 29.79 -10.84 -29.75
C LEU B 42 28.31 -10.57 -29.97
N LYS B 43 27.70 -11.25 -30.94
CA LYS B 43 26.28 -11.05 -31.18
C LYS B 43 25.54 -11.22 -29.85
N ASN B 44 24.52 -10.39 -29.66
CA ASN B 44 23.71 -10.35 -28.44
C ASN B 44 22.99 -11.64 -28.01
N ASN B 45 23.77 -12.58 -27.46
CA ASN B 45 23.28 -13.89 -27.01
C ASN B 45 23.36 -14.06 -25.51
N GLU B 46 22.87 -15.20 -25.06
CA GLU B 46 22.92 -15.52 -23.65
C GLU B 46 24.31 -16.09 -23.40
N ARG B 47 25.04 -16.30 -24.48
CA ARG B 47 26.40 -16.80 -24.35
C ARG B 47 27.25 -15.60 -24.01
N SER B 48 27.13 -14.57 -24.86
CA SER B 48 27.87 -13.32 -24.65
C SER B 48 27.56 -12.84 -23.24
N ALA B 49 26.29 -13.03 -22.87
CA ALA B 49 25.80 -12.69 -21.55
C ALA B 49 26.72 -13.34 -20.52
N GLU B 50 26.95 -14.64 -20.71
CA GLU B 50 27.82 -15.43 -19.84
C GLU B 50 29.24 -14.92 -19.91
N ALA B 51 29.68 -14.63 -21.12
CA ALA B 51 31.02 -14.12 -21.31
C ALA B 51 31.11 -12.92 -20.39
N ALA B 52 30.06 -12.11 -20.39
CA ALA B 52 29.99 -10.91 -19.57
C ALA B 52 30.22 -11.30 -18.11
N LYS B 53 29.49 -12.33 -17.63
CA LYS B 53 29.64 -12.81 -16.26
C LYS B 53 31.11 -13.23 -16.03
N GLN B 54 31.64 -14.00 -16.99
CA GLN B 54 33.02 -14.48 -16.94
C GLN B 54 33.99 -13.32 -16.78
N ILE B 55 34.02 -12.46 -17.78
CA ILE B 55 34.91 -11.29 -17.78
C ILE B 55 34.78 -10.49 -16.49
N ALA B 56 33.63 -10.63 -15.82
CA ALA B 56 33.38 -9.93 -14.58
C ALA B 56 34.13 -10.61 -13.43
N LEU B 57 33.67 -11.81 -13.08
CA LEU B 57 34.31 -12.57 -12.00
C LEU B 57 35.83 -12.61 -12.21
N LYS B 58 36.22 -12.93 -13.43
CA LYS B 58 37.62 -12.99 -13.83
C LYS B 58 38.37 -11.76 -13.32
N MET B 59 37.66 -10.69 -12.92
CA MET B 59 38.34 -9.49 -12.44
C MET B 59 38.10 -9.09 -10.98
N GLY B 60 38.23 -10.07 -10.09
CA GLY B 60 38.07 -9.81 -8.68
C GLY B 60 36.76 -10.32 -8.09
N LEU B 61 36.66 -10.30 -6.76
CA LEU B 61 35.47 -10.75 -6.01
C LEU B 61 34.20 -10.50 -6.85
N GLU B 62 33.49 -11.59 -7.12
CA GLU B 62 32.33 -11.54 -7.99
C GLU B 62 30.89 -11.72 -7.48
N GLU B 63 30.19 -12.65 -8.12
CA GLU B 63 28.78 -12.93 -7.87
C GLU B 63 28.11 -11.85 -8.71
N PRO B 64 28.56 -11.72 -9.97
CA PRO B 64 28.09 -10.74 -10.94
C PRO B 64 26.64 -10.86 -11.31
N SER B 65 26.07 -9.71 -11.62
CA SER B 65 24.70 -9.63 -12.07
C SER B 65 24.77 -8.75 -13.31
N VAL B 66 24.39 -9.32 -14.45
CA VAL B 66 24.39 -8.57 -15.68
C VAL B 66 23.04 -7.90 -15.83
N VAL B 67 22.94 -6.77 -15.14
CA VAL B 67 21.74 -5.95 -15.09
C VAL B 67 21.15 -5.52 -16.42
N MET B 68 22.00 -5.25 -17.40
CA MET B 68 21.51 -4.80 -18.71
C MET B 68 22.40 -5.37 -19.75
N GLN B 69 21.80 -5.70 -20.89
CA GLN B 69 22.53 -6.27 -22.01
C GLN B 69 21.84 -5.90 -23.33
N GLN B 70 22.44 -4.99 -24.08
CA GLN B 70 21.87 -4.59 -25.35
C GLN B 70 22.94 -4.42 -26.40
N SER B 71 22.57 -4.76 -27.63
CA SER B 71 23.46 -4.71 -28.77
C SER B 71 23.60 -3.40 -29.52
N LEU B 72 24.82 -3.09 -29.91
CA LEU B 72 25.11 -1.87 -30.66
C LEU B 72 25.08 -2.25 -32.14
N ASP B 73 25.42 -3.50 -32.42
CA ASP B 73 25.44 -4.04 -33.77
C ASP B 73 25.14 -5.54 -33.66
N GLU B 74 24.89 -6.20 -34.79
CA GLU B 74 24.63 -7.64 -34.78
C GLU B 74 25.90 -8.33 -34.30
N GLU B 75 27.02 -7.64 -34.41
CA GLU B 75 28.29 -8.23 -33.99
C GLU B 75 28.83 -7.62 -32.71
N PHE B 76 28.10 -6.68 -32.15
CA PHE B 76 28.56 -6.08 -30.90
C PHE B 76 27.46 -6.01 -29.89
N THR B 77 27.86 -5.92 -28.62
CA THR B 77 26.90 -5.85 -27.52
C THR B 77 27.45 -5.15 -26.28
N PHE B 78 26.63 -4.26 -25.72
CA PHE B 78 26.97 -3.48 -24.52
C PHE B 78 26.52 -4.17 -23.22
N PHE B 79 27.24 -3.89 -22.14
CA PHE B 79 26.94 -4.50 -20.85
C PHE B 79 27.08 -3.63 -19.60
N VAL B 80 26.17 -3.87 -18.67
CA VAL B 80 26.19 -3.21 -17.38
C VAL B 80 26.08 -4.40 -16.39
N VAL B 81 26.91 -4.38 -15.34
CA VAL B 81 26.86 -5.45 -14.36
C VAL B 81 27.27 -5.05 -12.94
N TYR B 82 26.75 -5.81 -11.98
CA TYR B 82 27.09 -5.54 -10.60
C TYR B 82 27.69 -6.79 -9.92
N GLY B 83 28.72 -6.56 -9.11
CA GLY B 83 29.38 -7.63 -8.40
C GLY B 83 30.04 -7.13 -7.11
N ASN B 84 30.79 -8.02 -6.44
CA ASN B 84 31.46 -7.66 -5.18
C ASN B 84 32.94 -8.07 -5.16
N GLU B 102 13.88 -21.38 -15.40
CA GLU B 102 13.53 -20.00 -15.72
C GLU B 102 12.17 -19.56 -15.21
N ILE B 103 12.08 -18.28 -14.85
CA ILE B 103 10.85 -17.69 -14.32
C ILE B 103 10.26 -16.63 -15.25
N LEU B 104 9.14 -16.91 -15.88
CA LEU B 104 8.54 -15.93 -16.75
C LEU B 104 8.23 -14.73 -15.87
N SER B 105 7.84 -13.63 -16.49
CA SER B 105 7.50 -12.42 -15.75
C SER B 105 6.04 -12.14 -16.11
N MET B 106 5.40 -11.23 -15.39
CA MET B 106 3.99 -10.97 -15.68
C MET B 106 3.66 -10.74 -17.16
N GLU B 107 4.41 -9.86 -17.82
CA GLU B 107 4.23 -9.55 -19.24
C GLU B 107 4.29 -10.86 -20.03
N GLU B 108 5.33 -11.65 -19.75
CA GLU B 108 5.59 -12.91 -20.42
C GLU B 108 4.59 -14.02 -20.21
N THR B 109 4.32 -14.37 -18.95
CA THR B 109 3.38 -15.44 -18.66
C THR B 109 2.03 -15.12 -19.32
N ASP B 110 1.73 -13.83 -19.46
CA ASP B 110 0.50 -13.42 -20.11
C ASP B 110 0.57 -13.73 -21.61
N GLU B 111 1.76 -13.60 -22.18
CA GLU B 111 1.91 -13.88 -23.59
C GLU B 111 1.86 -15.38 -23.80
N TYR B 112 2.63 -16.08 -22.97
CA TYR B 112 2.70 -17.51 -22.99
C TYR B 112 1.28 -18.10 -22.98
N ILE B 113 0.44 -17.54 -22.11
CA ILE B 113 -0.93 -17.99 -22.05
C ILE B 113 -1.65 -17.82 -23.40
N LYS B 114 -1.51 -16.67 -24.07
CA LYS B 114 -2.20 -16.44 -25.35
C LYS B 114 -1.71 -17.29 -26.50
N GLU B 115 -0.39 -17.34 -26.66
CA GLU B 115 0.22 -18.10 -27.75
C GLU B 115 0.21 -19.60 -27.52
N ASN B 116 0.12 -20.04 -26.26
CA ASN B 116 0.14 -21.47 -26.00
C ASN B 116 -1.18 -22.10 -25.54
N ILE B 117 -1.99 -21.33 -24.78
CA ILE B 117 -3.24 -21.85 -24.25
C ILE B 117 -4.48 -21.28 -24.90
N GLY B 118 -4.41 -20.04 -25.34
CA GLY B 118 -5.53 -19.47 -26.04
C GLY B 118 -6.78 -19.02 -25.32
N ARG B 119 -6.77 -18.94 -24.00
CA ARG B 119 -7.96 -18.46 -23.27
C ARG B 119 -7.47 -18.04 -21.93
N LYS B 120 -8.29 -17.34 -21.15
CA LYS B 120 -7.78 -16.99 -19.83
C LYS B 120 -7.89 -18.24 -18.96
N ILE B 121 -6.87 -18.47 -18.11
CA ILE B 121 -6.90 -19.59 -17.19
C ILE B 121 -7.46 -19.11 -15.85
N VAL B 122 -8.10 -20.01 -15.12
CA VAL B 122 -8.67 -19.63 -13.85
C VAL B 122 -8.03 -20.37 -12.67
N VAL B 123 -7.76 -19.64 -11.60
CA VAL B 123 -7.15 -20.26 -10.45
C VAL B 123 -7.93 -19.94 -9.19
N VAL B 124 -8.17 -20.96 -8.38
CA VAL B 124 -8.90 -20.83 -7.12
C VAL B 124 -7.94 -21.29 -6.01
N GLY B 125 -7.74 -20.42 -5.03
CA GLY B 125 -6.85 -20.75 -3.93
C GLY B 125 -7.54 -20.47 -2.61
N ALA B 126 -6.94 -20.95 -1.55
CA ALA B 126 -7.54 -20.79 -0.24
C ALA B 126 -6.67 -21.44 0.81
N SER B 127 -6.90 -21.06 2.06
CA SER B 127 -6.17 -21.68 3.17
C SER B 127 -7.23 -22.64 3.65
N THR B 128 -6.97 -23.92 3.43
CA THR B 128 -7.95 -24.93 3.77
C THR B 128 -7.95 -25.46 5.16
N GLY B 129 -9.13 -25.98 5.51
CA GLY B 129 -9.37 -26.57 6.81
C GLY B 129 -9.66 -25.55 7.90
N THR B 130 -8.99 -25.73 9.02
CA THR B 130 -9.13 -24.87 10.16
C THR B 130 -8.09 -23.77 10.18
N ASP B 131 -7.15 -23.79 9.23
CA ASP B 131 -6.08 -22.80 9.21
C ASP B 131 -6.44 -21.39 8.84
N ALA B 132 -6.40 -20.50 9.82
CA ALA B 132 -6.75 -19.12 9.57
C ALA B 132 -5.62 -18.25 8.98
N HIS B 133 -4.49 -18.86 8.67
CA HIS B 133 -3.41 -18.08 8.13
C HIS B 133 -3.65 -17.78 6.65
N THR B 134 -3.66 -16.49 6.28
CA THR B 134 -3.87 -16.14 4.88
C THR B 134 -2.86 -15.22 4.22
N VAL B 135 -2.05 -14.49 4.99
CA VAL B 135 -1.06 -13.58 4.42
C VAL B 135 -0.35 -14.27 3.26
N GLY B 136 0.08 -15.52 3.50
CA GLY B 136 0.76 -16.32 2.48
C GLY B 136 0.03 -16.43 1.13
N ILE B 137 -1.18 -16.97 1.12
CA ILE B 137 -1.94 -17.09 -0.11
C ILE B 137 -2.21 -15.67 -0.68
N ASP B 138 -2.29 -14.67 0.20
CA ASP B 138 -2.48 -13.29 -0.25
C ASP B 138 -1.22 -12.78 -0.95
N ALA B 139 -0.08 -13.32 -0.57
CA ALA B 139 1.16 -12.91 -1.21
C ALA B 139 1.24 -13.38 -2.66
N ILE B 140 0.57 -14.49 -2.96
CA ILE B 140 0.59 -14.99 -4.33
C ILE B 140 -0.65 -14.55 -5.13
N MET B 141 -1.79 -14.41 -4.45
CA MET B 141 -3.00 -14.06 -5.14
C MET B 141 -3.42 -12.59 -5.22
N ASN B 142 -3.10 -11.77 -4.21
CA ASN B 142 -3.47 -10.32 -4.21
C ASN B 142 -2.91 -9.51 -5.39
N MET B 143 -3.67 -8.49 -5.79
CA MET B 143 -3.31 -7.56 -6.86
C MET B 143 -1.89 -7.08 -6.57
N LYS B 144 -1.73 -6.57 -5.34
CA LYS B 144 -0.47 -6.03 -4.81
C LYS B 144 0.64 -7.13 -4.62
N GLY B 145 0.23 -8.39 -4.55
CA GLY B 145 1.22 -9.43 -4.40
C GLY B 145 2.06 -9.30 -3.16
N TYR B 146 3.33 -9.67 -3.26
CA TYR B 146 4.25 -9.66 -2.14
C TYR B 146 5.67 -9.23 -2.54
N ALA B 147 6.31 -8.45 -1.68
CA ALA B 147 7.68 -7.96 -1.92
C ALA B 147 8.05 -7.64 -3.39
N GLY B 148 7.14 -6.96 -4.10
CA GLY B 148 7.38 -6.61 -5.49
C GLY B 148 6.77 -7.55 -6.50
N HIS B 149 6.59 -8.82 -6.15
CA HIS B 149 5.99 -9.76 -7.09
C HIS B 149 4.49 -9.69 -7.02
N TYR B 150 3.88 -9.15 -8.07
CA TYR B 150 2.43 -8.99 -8.10
C TYR B 150 1.69 -10.33 -8.13
N GLY B 151 0.56 -10.37 -7.44
CA GLY B 151 -0.26 -11.56 -7.34
C GLY B 151 -0.94 -11.99 -8.63
N LEU B 152 -1.50 -13.20 -8.62
CA LEU B 152 -2.13 -13.73 -9.80
C LEU B 152 -3.34 -12.93 -10.30
N GLU B 153 -4.05 -12.27 -9.40
CA GLU B 153 -5.22 -11.51 -9.85
C GLU B 153 -4.83 -10.27 -10.64
N ARG B 154 -3.54 -9.96 -10.61
CA ARG B 154 -3.02 -8.81 -11.29
C ARG B 154 -2.69 -9.17 -12.73
N TYR B 155 -2.69 -10.47 -13.03
CA TYR B 155 -2.36 -10.92 -14.38
C TYR B 155 -3.59 -10.81 -15.27
N GLU B 156 -3.33 -10.44 -16.53
CA GLU B 156 -4.35 -10.24 -17.55
C GLU B 156 -5.05 -11.51 -18.04
N MET B 157 -4.26 -12.54 -18.32
CA MET B 157 -4.81 -13.82 -18.82
C MET B 157 -5.08 -14.78 -17.68
N ILE B 158 -5.39 -14.21 -16.52
CA ILE B 158 -5.70 -14.99 -15.34
C ILE B 158 -6.78 -14.41 -14.45
N ASP B 159 -7.73 -15.26 -14.10
CA ASP B 159 -8.83 -14.94 -13.21
C ASP B 159 -8.53 -15.64 -11.88
N ALA B 160 -8.04 -14.92 -10.89
CA ALA B 160 -7.73 -15.53 -9.61
C ALA B 160 -8.89 -15.31 -8.65
N TYR B 161 -9.35 -16.40 -8.04
CA TYR B 161 -10.44 -16.34 -7.07
C TYR B 161 -9.98 -16.68 -5.63
N ASN B 162 -9.62 -15.70 -4.79
CA ASN B 162 -9.19 -15.99 -3.39
C ASN B 162 -10.38 -16.25 -2.45
N LEU B 163 -10.51 -17.48 -1.96
CA LEU B 163 -11.60 -17.84 -1.08
C LEU B 163 -11.23 -17.66 0.39
N GLY B 164 -10.05 -17.13 0.64
CA GLY B 164 -9.62 -16.89 2.01
C GLY B 164 -9.31 -18.07 2.92
N SER B 165 -9.42 -17.81 4.22
CA SER B 165 -9.11 -18.79 5.26
C SER B 165 -10.20 -19.79 5.65
N GLN B 166 -9.74 -20.82 6.36
CA GLN B 166 -10.55 -21.91 6.89
C GLN B 166 -11.60 -22.46 5.96
N VAL B 167 -11.17 -22.90 4.82
CA VAL B 167 -12.09 -23.42 3.84
C VAL B 167 -12.06 -24.92 3.84
N ALA B 168 -13.20 -25.50 4.20
CA ALA B 168 -13.34 -26.94 4.24
C ALA B 168 -13.08 -27.52 2.87
N ASN B 169 -12.26 -28.57 2.79
CA ASN B 169 -11.95 -29.20 1.53
C ASN B 169 -13.24 -29.43 0.73
N GLU B 170 -14.29 -29.82 1.41
CA GLU B 170 -15.53 -30.10 0.71
C GLU B 170 -16.09 -28.90 -0.02
N ASP B 171 -15.86 -27.71 0.55
CA ASP B 171 -16.32 -26.42 -0.02
C ASP B 171 -15.34 -26.00 -1.12
N PHE B 172 -14.05 -26.12 -0.82
CA PHE B 172 -13.00 -25.79 -1.76
C PHE B 172 -13.31 -26.46 -3.11
N ILE B 173 -13.54 -27.77 -3.08
CA ILE B 173 -13.85 -28.53 -4.30
C ILE B 173 -15.14 -28.05 -4.93
N LYS B 174 -16.16 -27.77 -4.13
CA LYS B 174 -17.38 -27.29 -4.73
C LYS B 174 -17.04 -26.03 -5.52
N LYS B 175 -16.28 -25.11 -4.91
CA LYS B 175 -15.91 -23.88 -5.58
C LYS B 175 -14.99 -24.05 -6.79
N ALA B 176 -14.10 -25.04 -6.79
CA ALA B 176 -13.24 -25.24 -7.94
C ALA B 176 -14.07 -25.71 -9.12
N VAL B 177 -14.97 -26.65 -8.88
CA VAL B 177 -15.80 -27.13 -9.98
C VAL B 177 -16.65 -26.02 -10.57
N GLU B 178 -17.05 -25.09 -9.72
CA GLU B 178 -17.92 -23.99 -10.14
C GLU B 178 -17.21 -22.99 -11.07
N LEU B 179 -16.24 -22.26 -10.54
CA LEU B 179 -15.48 -21.30 -11.33
C LEU B 179 -14.63 -22.08 -12.32
N GLU B 180 -14.96 -23.36 -12.53
CA GLU B 180 -14.22 -24.22 -13.45
C GLU B 180 -12.72 -23.93 -13.42
N ALA B 181 -12.07 -24.21 -12.30
CA ALA B 181 -10.64 -23.92 -12.15
C ALA B 181 -9.68 -24.79 -12.96
N ASP B 182 -8.51 -24.24 -13.25
CA ASP B 182 -7.49 -24.97 -13.98
C ASP B 182 -6.44 -25.20 -12.95
N VAL B 183 -6.34 -24.27 -12.03
CA VAL B 183 -5.32 -24.36 -10.98
C VAL B 183 -5.92 -24.15 -9.61
N LEU B 184 -5.63 -25.09 -8.73
CA LEU B 184 -6.12 -25.05 -7.35
C LEU B 184 -4.93 -24.67 -6.50
N LEU B 185 -5.12 -23.75 -5.56
CA LEU B 185 -4.02 -23.40 -4.68
C LEU B 185 -4.43 -23.58 -3.23
N VAL B 186 -3.77 -24.51 -2.53
CA VAL B 186 -4.04 -24.71 -1.11
C VAL B 186 -2.78 -24.38 -0.32
N SER B 187 -2.97 -23.52 0.69
CA SER B 187 -1.94 -23.03 1.60
C SER B 187 -2.17 -23.61 3.02
N GLN B 188 -1.09 -24.07 3.68
CA GLN B 188 -1.15 -24.67 5.03
C GLN B 188 0.00 -24.12 5.87
N THR B 189 -0.25 -23.78 7.12
CA THR B 189 0.79 -23.20 7.96
C THR B 189 0.97 -23.93 9.27
N VAL B 190 -0.13 -24.18 9.99
CA VAL B 190 -0.04 -24.88 11.27
C VAL B 190 0.29 -26.36 11.05
N THR B 191 1.36 -26.85 11.70
CA THR B 191 1.77 -28.23 11.52
C THR B 191 1.53 -29.08 12.77
N GLN B 192 1.02 -28.44 13.82
CA GLN B 192 0.72 -29.08 15.09
C GLN B 192 0.91 -30.59 15.08
N LYS B 193 -0.19 -31.32 14.98
CA LYS B 193 -0.09 -32.76 15.04
C LYS B 193 -0.22 -33.30 13.65
N ASN B 194 0.46 -32.59 12.74
CA ASN B 194 0.47 -32.93 11.31
C ASN B 194 -0.90 -32.77 10.74
N VAL B 195 -1.66 -31.88 11.37
CA VAL B 195 -3.03 -31.64 10.98
C VAL B 195 -3.06 -31.23 9.51
N HIS B 196 -1.96 -30.62 9.07
CA HIS B 196 -1.83 -30.16 7.69
C HIS B 196 -1.63 -31.32 6.76
N ILE B 197 -0.76 -32.26 7.14
CA ILE B 197 -0.53 -33.41 6.27
C ILE B 197 -1.83 -34.19 6.17
N GLN B 198 -2.54 -34.31 7.29
CA GLN B 198 -3.82 -35.01 7.23
C GLN B 198 -4.78 -34.27 6.32
N ASN B 199 -4.93 -32.97 6.57
CA ASN B 199 -5.84 -32.22 5.75
C ASN B 199 -5.52 -32.23 4.23
N MET B 200 -4.26 -32.00 3.85
CA MET B 200 -3.90 -31.97 2.44
C MET B 200 -4.11 -33.37 1.83
N THR B 201 -3.84 -34.38 2.63
CA THR B 201 -4.01 -35.76 2.16
C THR B 201 -5.49 -36.04 1.89
N HIS B 202 -6.34 -35.51 2.76
CA HIS B 202 -7.79 -35.69 2.64
C HIS B 202 -8.35 -35.02 1.38
N LEU B 203 -7.87 -33.82 1.07
CA LEU B 203 -8.30 -33.10 -0.12
C LEU B 203 -7.97 -33.96 -1.36
N ILE B 204 -6.84 -34.64 -1.34
CA ILE B 204 -6.52 -35.46 -2.49
C ILE B 204 -7.52 -36.62 -2.60
N GLU B 205 -7.78 -37.31 -1.49
CA GLU B 205 -8.71 -38.45 -1.52
C GLU B 205 -10.05 -38.01 -2.06
N LEU B 206 -10.55 -36.90 -1.49
CA LEU B 206 -11.83 -36.32 -1.91
C LEU B 206 -11.87 -36.15 -3.41
N LEU B 207 -10.93 -35.37 -3.92
CA LEU B 207 -10.82 -35.12 -5.34
C LEU B 207 -10.87 -36.43 -6.13
N GLU B 208 -10.03 -37.38 -5.74
CA GLU B 208 -9.94 -38.63 -6.46
C GLU B 208 -11.15 -39.52 -6.38
N ALA B 209 -11.74 -39.56 -5.20
CA ALA B 209 -12.90 -40.38 -4.99
C ALA B 209 -13.97 -39.96 -5.99
N GLU B 210 -14.09 -38.68 -6.29
CA GLU B 210 -15.08 -38.23 -7.26
C GLU B 210 -14.55 -38.28 -8.69
N GLY B 211 -13.33 -38.77 -8.84
CA GLY B 211 -12.72 -38.85 -10.16
C GLY B 211 -12.42 -37.48 -10.65
N LEU B 212 -11.78 -36.65 -9.83
CA LEU B 212 -11.50 -35.28 -10.26
C LEU B 212 -10.07 -34.78 -10.26
N ARG B 213 -9.20 -35.44 -9.53
CA ARG B 213 -7.82 -35.01 -9.44
C ARG B 213 -7.19 -34.45 -10.73
N ASP B 214 -7.14 -35.26 -11.78
CA ASP B 214 -6.51 -34.87 -13.04
C ASP B 214 -7.03 -33.62 -13.77
N ARG B 215 -8.21 -33.18 -13.39
CA ARG B 215 -8.77 -31.98 -13.98
C ARG B 215 -7.96 -30.78 -13.53
N PHE B 216 -7.19 -30.92 -12.46
CA PHE B 216 -6.49 -29.76 -11.96
C PHE B 216 -5.01 -29.86 -11.75
N VAL B 217 -4.37 -28.70 -11.73
CA VAL B 217 -2.96 -28.57 -11.42
C VAL B 217 -3.11 -28.21 -9.91
N LEU B 218 -2.75 -29.11 -9.01
CA LEU B 218 -2.85 -28.83 -7.58
C LEU B 218 -1.53 -28.38 -7.02
N LEU B 219 -1.50 -27.14 -6.53
CA LEU B 219 -0.30 -26.59 -5.94
C LEU B 219 -0.56 -26.35 -4.46
N CYS B 220 0.46 -26.62 -3.65
CA CYS B 220 0.36 -26.41 -2.22
C CYS B 220 1.64 -25.65 -1.80
N GLY B 221 1.58 -25.05 -0.62
CA GLY B 221 2.72 -24.31 -0.14
C GLY B 221 2.39 -23.75 1.23
N GLY B 222 3.37 -23.16 1.87
CA GLY B 222 3.20 -22.62 3.19
C GLY B 222 4.57 -22.69 3.79
N PRO B 223 4.76 -22.04 4.94
CA PRO B 223 6.04 -22.01 5.64
C PRO B 223 6.70 -23.36 5.87
N ARG B 224 5.98 -24.37 6.29
CA ARG B 224 6.67 -25.64 6.48
C ARG B 224 6.45 -26.57 5.31
N ILE B 225 6.30 -26.02 4.11
CA ILE B 225 6.05 -26.89 2.95
C ILE B 225 7.21 -26.83 1.95
N ASN B 226 7.31 -27.84 1.09
CA ASN B 226 8.35 -27.86 0.07
C ASN B 226 7.91 -28.84 -0.98
N ASN B 227 8.61 -28.85 -2.09
CA ASN B 227 8.21 -29.71 -3.20
C ASN B 227 8.38 -31.20 -2.95
N GLU B 228 9.26 -31.57 -2.04
CA GLU B 228 9.45 -33.00 -1.76
C GLU B 228 8.17 -33.45 -1.08
N ILE B 229 7.86 -32.79 0.03
CA ILE B 229 6.66 -33.10 0.79
C ILE B 229 5.46 -33.10 -0.13
N ALA B 230 5.38 -32.09 -0.97
CA ALA B 230 4.30 -31.91 -1.93
C ALA B 230 4.06 -33.12 -2.84
N LYS B 231 5.09 -33.51 -3.58
CA LYS B 231 4.97 -34.63 -4.48
C LYS B 231 4.57 -35.93 -3.80
N GLU B 232 5.13 -36.22 -2.62
CA GLU B 232 4.80 -37.50 -2.00
C GLU B 232 3.46 -37.50 -1.31
N LEU B 233 2.63 -36.52 -1.65
CA LEU B 233 1.34 -36.39 -1.02
C LEU B 233 0.25 -36.38 -2.07
N GLY B 234 0.64 -36.17 -3.32
CA GLY B 234 -0.34 -36.13 -4.39
C GLY B 234 -0.39 -34.84 -5.18
N TYR B 235 0.26 -33.80 -4.67
CA TYR B 235 0.26 -32.51 -5.36
C TYR B 235 1.34 -32.38 -6.45
N ASP B 236 1.07 -31.56 -7.46
CA ASP B 236 2.02 -31.38 -8.55
C ASP B 236 3.23 -30.55 -8.21
N ALA B 237 3.16 -29.80 -7.10
CA ALA B 237 4.27 -28.95 -6.65
C ALA B 237 3.95 -28.27 -5.34
N GLY B 238 4.99 -27.94 -4.59
CA GLY B 238 4.82 -27.31 -3.29
C GLY B 238 5.77 -26.13 -3.27
N PHE B 239 5.39 -25.03 -2.64
CA PHE B 239 6.25 -23.84 -2.63
C PHE B 239 6.56 -23.30 -1.27
N GLY B 240 7.84 -23.30 -0.92
CA GLY B 240 8.26 -22.82 0.38
C GLY B 240 8.21 -21.32 0.59
N PRO B 241 8.66 -20.84 1.77
CA PRO B 241 8.69 -19.41 2.13
C PRO B 241 9.44 -18.42 1.26
N GLY B 242 10.36 -18.89 0.41
CA GLY B 242 11.04 -17.92 -0.42
C GLY B 242 10.41 -17.64 -1.80
N ARG B 243 9.39 -18.40 -2.15
CA ARG B 243 8.71 -18.29 -3.45
C ARG B 243 7.61 -17.21 -3.61
N PHE B 244 7.44 -16.77 -4.85
CA PHE B 244 6.47 -15.73 -5.12
C PHE B 244 5.55 -16.05 -6.30
N ALA B 245 4.51 -15.25 -6.47
CA ALA B 245 3.54 -15.49 -7.53
C ALA B 245 4.14 -15.84 -8.88
N ASP B 246 5.17 -15.10 -9.28
CA ASP B 246 5.78 -15.39 -10.57
C ASP B 246 6.25 -16.83 -10.60
N ASP B 247 6.86 -17.31 -9.53
CA ASP B 247 7.28 -18.70 -9.46
C ASP B 247 6.06 -19.62 -9.72
N VAL B 248 4.94 -19.34 -9.05
CA VAL B 248 3.73 -20.15 -9.22
C VAL B 248 3.20 -20.04 -10.62
N ALA B 249 3.07 -18.81 -11.10
CA ALA B 249 2.52 -18.58 -12.44
C ALA B 249 3.30 -19.32 -13.53
N THR B 250 4.62 -19.10 -13.54
CA THR B 250 5.45 -19.72 -14.54
C THR B 250 5.33 -21.25 -14.49
N PHE B 251 5.21 -21.85 -13.30
CA PHE B 251 5.03 -23.31 -13.19
C PHE B 251 3.61 -23.79 -13.66
N ALA B 252 2.58 -23.09 -13.21
CA ALA B 252 1.24 -23.49 -13.58
C ALA B 252 0.99 -23.45 -15.09
N VAL B 253 1.48 -22.37 -15.72
CA VAL B 253 1.30 -22.17 -17.16
C VAL B 253 2.04 -23.20 -18.01
N LYS B 254 3.23 -23.58 -17.59
CA LYS B 254 3.97 -24.57 -18.35
C LYS B 254 3.31 -25.97 -18.20
N THR B 255 2.95 -26.31 -16.97
CA THR B 255 2.30 -27.59 -16.68
C THR B 255 1.00 -27.65 -17.51
N LEU B 256 0.20 -26.59 -17.49
CA LEU B 256 -1.05 -26.57 -18.27
C LEU B 256 -0.74 -26.94 -19.72
N ASN B 257 0.22 -26.22 -20.28
CA ASN B 257 0.66 -26.43 -21.64
C ASN B 257 1.12 -27.90 -21.86
N ASP B 258 1.99 -28.41 -20.99
CA ASP B 258 2.42 -29.80 -21.09
C ASP B 258 1.21 -30.70 -21.13
N ARG B 259 0.20 -30.41 -20.32
CA ARG B 259 -0.97 -31.27 -20.31
C ARG B 259 -1.81 -31.11 -21.54
N MET B 260 -2.27 -29.88 -21.81
CA MET B 260 -3.10 -29.63 -22.99
C MET B 260 -2.39 -30.04 -24.29
N ASN B 261 -1.06 -29.99 -24.25
CA ASN B 261 -0.20 -30.33 -25.38
C ASN B 261 -0.71 -29.77 -26.71
#